data_7EVU
#
_entry.id   7EVU
#
_cell.length_a   70.754
_cell.length_b   70.830
_cell.length_c   76.036
_cell.angle_alpha   92.160
_cell.angle_beta   101.440
_cell.angle_gamma   115.610
#
_symmetry.space_group_name_H-M   'P 1'
#
loop_
_entity.id
_entity.type
_entity.pdbx_description
1 polymer 'Prolyl-tRNA synthetase (ProRS)'
2 non-polymer 7-bromo-6-chloro-3-{3-[(2R,3S)-3-hydroxypiperidin-2-yl]-2-oxopropyl}quinazolin-4(3H)-one
3 non-polymer ~{N}-[4-[(3~{S})-3-cyano-3-cyclopropyl-2-oxidanylidene-pyrrolidin-1-yl]-6-methyl-pyridin-2-yl]-2-phenyl-ethanamide
4 non-polymer '2-(N-MORPHOLINO)-ETHANESULFONIC ACID'
5 water water
#
_entity_poly.entity_id   1
_entity_poly.type   'polypeptide(L)'
_entity_poly.pdbx_seq_one_letter_code
;GAMVTAKKDENFSEWYTQAIVRSEMIEYYDISGCYIMRPWAFHIWEKVQRFFDDEIKKMGVENSYFPMFVSRHKLEKEKD
HVEGFSPEVAWVTHYGDSPLPEKIAIRPTSETIMYPAYAKWIRSHRDLPLKLNQWCSVVRWEFKQPTPFLRTREFLWQEG
HTAHATEEEAWELVLDILELYRRWYEECLAVPVIKGEKSEGEKFAGGKKTTTVEAFIPENGRGIQAATSHLLGTNFAKMF
EIEFEDEEGHKRLVHQTSWGCTTRSLGVMIMTHGDDKGLVIPPRVASVQVVIIPILFKDENTGEILGKCRELKTMLEKAD
IRVRIDDRSNYTPGWKYNHWEVKGVPLRLELGPKDLAKGTARVVRRDTGEAYQISWADLAPKLLELMEGIQRSLFEKAKA
RLHEGIEKISTFDEVMPALNRKHLVLAPWCEDPESEEQIKKETQKLSEIQAIEAGDSEQVMTGAMKTLCIPFDQPPMPEG
TKCFYTGKPAKRWTLWGRSY
;
_entity_poly.pdbx_strand_id   A,B
#
loop_
_chem_comp.id
_chem_comp.type
_chem_comp.name
_chem_comp.formula
HFG non-polymer 7-bromo-6-chloro-3-{3-[(2R,3S)-3-hydroxypiperidin-2-yl]-2-oxopropyl}quinazolin-4(3H)-one 'C16 H17 Br Cl N3 O3'
JE6 non-polymer ~{N}-[4-[(3~{S})-3-cyano-3-cyclopropyl-2-oxidanylidene-pyrrolidin-1-yl]-6-methyl-pyridin-2-yl]-2-phenyl-ethanamide 'C22 H22 N4 O2'
MES non-polymer '2-(N-MORPHOLINO)-ETHANESULFONIC ACID' 'C6 H13 N O4 S'
#
# COMPACT_ATOMS: atom_id res chain seq x y z
N ALA A 2 31.36 5.60 -2.41
CA ALA A 2 30.43 6.22 -3.33
C ALA A 2 30.44 5.49 -4.67
N MET A 3 31.54 4.79 -4.93
CA MET A 3 31.71 3.99 -6.13
C MET A 3 31.66 2.49 -5.83
N VAL A 4 31.10 1.71 -6.76
CA VAL A 4 31.21 0.27 -6.68
C VAL A 4 32.60 -0.14 -7.14
N THR A 5 33.26 -1.03 -6.39
CA THR A 5 34.59 -1.54 -6.72
C THR A 5 34.64 -3.05 -6.91
N ALA A 6 33.77 -3.83 -6.27
CA ALA A 6 33.70 -5.26 -6.52
C ALA A 6 33.17 -5.50 -7.93
N LYS A 7 33.81 -6.43 -8.65
CA LYS A 7 33.37 -6.76 -10.01
C LYS A 7 32.29 -7.84 -9.97
N LYS A 8 31.26 -7.67 -10.82
CA LYS A 8 30.10 -8.56 -10.75
C LYS A 8 30.49 -10.00 -11.04
N ASP A 9 31.45 -10.22 -11.93
CA ASP A 9 31.81 -11.55 -12.39
C ASP A 9 32.93 -12.18 -11.59
N GLU A 10 33.38 -11.55 -10.51
CA GLU A 10 34.45 -12.09 -9.69
C GLU A 10 33.98 -12.45 -8.28
N ASN A 11 33.30 -11.54 -7.59
CA ASN A 11 32.76 -11.83 -6.27
C ASN A 11 31.34 -11.26 -6.32
N PHE A 12 30.41 -12.09 -6.79
CA PHE A 12 29.04 -11.65 -7.02
C PHE A 12 28.36 -11.20 -5.73
N SER A 13 28.56 -11.94 -4.63
CA SER A 13 27.84 -11.57 -3.40
C SER A 13 28.31 -10.21 -2.87
N GLU A 14 29.62 -9.95 -2.90
CA GLU A 14 30.08 -8.62 -2.47
C GLU A 14 29.64 -7.53 -3.46
N TRP A 15 29.61 -7.84 -4.76
CA TRP A 15 29.09 -6.87 -5.74
C TRP A 15 27.65 -6.50 -5.41
N TYR A 16 26.80 -7.51 -5.17
CA TYR A 16 25.39 -7.25 -4.89
C TYR A 16 25.22 -6.36 -3.65
N THR A 17 25.94 -6.70 -2.58
CA THR A 17 25.86 -5.87 -1.38
C THR A 17 26.28 -4.43 -1.65
N GLN A 18 27.42 -4.24 -2.33
CA GLN A 18 27.84 -2.87 -2.66
C GLN A 18 26.79 -2.16 -3.50
N ALA A 19 26.22 -2.85 -4.49
CA ALA A 19 25.30 -2.16 -5.38
C ALA A 19 24.06 -1.68 -4.63
N ILE A 20 23.54 -2.49 -3.71
CA ILE A 20 22.27 -2.07 -3.11
C ILE A 20 22.50 -1.12 -1.95
N VAL A 21 23.67 -1.14 -1.34
CA VAL A 21 23.96 -0.15 -0.29
C VAL A 21 24.39 1.18 -0.88
N ARG A 22 25.32 1.18 -1.84
CA ARG A 22 25.86 2.45 -2.32
C ARG A 22 24.86 3.21 -3.18
N SER A 23 23.85 2.51 -3.70
CA SER A 23 22.76 3.15 -4.42
C SER A 23 21.65 3.64 -3.51
N GLU A 24 21.79 3.41 -2.20
CA GLU A 24 20.78 3.83 -1.19
C GLU A 24 19.46 3.11 -1.38
N MET A 25 19.52 1.84 -1.81
CA MET A 25 18.28 1.08 -1.86
C MET A 25 17.88 0.50 -0.50
N ILE A 26 18.85 0.07 0.31
CA ILE A 26 18.56 -0.57 1.59
C ILE A 26 19.35 0.08 2.71
N GLU A 27 18.89 -0.18 3.94
CA GLU A 27 19.65 0.11 5.14
C GLU A 27 19.52 -1.09 6.05
N TYR A 28 20.56 -1.36 6.83
CA TYR A 28 20.53 -2.49 7.74
C TYR A 28 19.71 -2.16 8.99
N TYR A 29 19.42 -3.20 9.75
CA TYR A 29 18.51 -3.10 10.89
C TYR A 29 19.01 -4.06 11.97
N ASP A 30 18.71 -3.73 13.23
CA ASP A 30 19.31 -4.52 14.29
C ASP A 30 18.64 -5.88 14.48
N ILE A 31 17.48 -6.10 13.88
CA ILE A 31 16.78 -7.38 13.95
C ILE A 31 17.13 -8.15 12.68
N SER A 32 17.82 -9.29 12.84
CA SER A 32 18.36 -9.99 11.68
C SER A 32 17.26 -10.46 10.74
N GLY A 33 17.56 -10.44 9.46
CA GLY A 33 16.60 -10.82 8.45
C GLY A 33 15.63 -9.74 8.03
N CYS A 34 15.70 -8.57 8.65
CA CYS A 34 14.82 -7.46 8.31
C CYS A 34 15.67 -6.31 7.77
N TYR A 35 15.19 -5.64 6.74
CA TYR A 35 15.95 -4.53 6.19
C TYR A 35 15.00 -3.36 5.98
N ILE A 36 15.56 -2.15 5.97
CA ILE A 36 14.81 -0.96 5.62
C ILE A 36 14.84 -0.78 4.10
N MET A 37 13.69 -0.50 3.51
CA MET A 37 13.56 -0.28 2.07
C MET A 37 13.48 1.22 1.85
N ARG A 38 14.57 1.80 1.35
CA ARG A 38 14.68 3.23 1.18
C ARG A 38 13.97 3.67 -0.09
N PRO A 39 13.70 4.96 -0.23
CA PRO A 39 12.92 5.42 -1.39
C PRO A 39 13.40 4.98 -2.75
N TRP A 40 14.72 4.92 -3.00
CA TRP A 40 15.15 4.55 -4.35
C TRP A 40 14.64 3.18 -4.75
N ALA A 41 14.55 2.25 -3.79
CA ALA A 41 13.97 0.93 -4.04
C ALA A 41 12.45 0.95 -3.99
N PHE A 42 11.90 1.66 -2.99
CA PHE A 42 10.46 1.65 -2.83
C PHE A 42 9.72 2.19 -4.07
N HIS A 43 10.32 3.15 -4.78
CA HIS A 43 9.69 3.72 -5.98
C HIS A 43 9.43 2.63 -7.02
N ILE A 44 10.39 1.74 -7.19
CA ILE A 44 10.22 0.63 -8.11
C ILE A 44 9.07 -0.24 -7.68
N TRP A 45 9.00 -0.54 -6.36
CA TRP A 45 7.88 -1.34 -5.87
C TRP A 45 6.55 -0.65 -6.17
N GLU A 46 6.51 0.67 -6.02
CA GLU A 46 5.29 1.40 -6.31
C GLU A 46 4.89 1.23 -7.77
N LYS A 47 5.86 1.25 -8.68
CA LYS A 47 5.54 1.14 -10.10
C LYS A 47 5.00 -0.26 -10.45
N VAL A 48 5.69 -1.32 -9.98
CA VAL A 48 5.14 -2.65 -10.30
C VAL A 48 3.81 -2.89 -9.58
N GLN A 49 3.65 -2.33 -8.36
CA GLN A 49 2.37 -2.44 -7.68
C GLN A 49 1.25 -1.76 -8.47
N ARG A 50 1.49 -0.55 -9.01
CA ARG A 50 0.47 0.09 -9.82
C ARG A 50 0.09 -0.75 -11.04
N PHE A 51 1.10 -1.27 -11.75
CA PHE A 51 0.82 -2.08 -12.95
C PHE A 51 -0.04 -3.28 -12.59
N PHE A 52 0.40 -4.06 -11.59
CA PHE A 52 -0.33 -5.29 -11.27
C PHE A 52 -1.72 -4.96 -10.74
N ASP A 53 -1.84 -3.91 -9.93
CA ASP A 53 -3.14 -3.60 -9.39
C ASP A 53 -4.12 -3.19 -10.49
N ASP A 54 -3.65 -2.34 -11.41
CA ASP A 54 -4.48 -1.95 -12.53
C ASP A 54 -4.94 -3.16 -13.32
N GLU A 55 -4.07 -4.16 -13.45
CA GLU A 55 -4.43 -5.32 -14.30
C GLU A 55 -5.41 -6.25 -13.60
N ILE A 56 -5.23 -6.47 -12.28
CA ILE A 56 -6.16 -7.41 -11.65
C ILE A 56 -7.52 -6.73 -11.49
N LYS A 57 -7.55 -5.39 -11.37
CA LYS A 57 -8.86 -4.75 -11.26
C LYS A 57 -9.70 -5.00 -12.50
N LYS A 58 -9.07 -5.09 -13.69
CA LYS A 58 -9.83 -5.37 -14.90
C LYS A 58 -10.34 -6.79 -14.93
N MET A 59 -9.75 -7.68 -14.14
CA MET A 59 -10.28 -9.02 -13.96
C MET A 59 -11.38 -9.10 -12.92
N GLY A 60 -11.71 -7.98 -12.28
CA GLY A 60 -12.71 -7.98 -11.23
C GLY A 60 -12.18 -8.37 -9.87
N VAL A 61 -10.89 -8.41 -9.67
CA VAL A 61 -10.35 -8.65 -8.33
C VAL A 61 -10.38 -7.34 -7.58
N GLU A 62 -10.80 -7.38 -6.31
CA GLU A 62 -10.90 -6.18 -5.49
C GLU A 62 -9.93 -6.29 -4.33
N ASN A 63 -9.34 -5.14 -3.97
CA ASN A 63 -8.44 -5.14 -2.81
C ASN A 63 -9.24 -5.05 -1.51
N SER A 64 -8.59 -5.54 -0.45
CA SER A 64 -9.16 -5.73 0.87
C SER A 64 -8.02 -5.63 1.87
N TYR A 65 -8.36 -5.61 3.16
CA TYR A 65 -7.31 -5.71 4.17
C TYR A 65 -7.77 -6.56 5.35
N PHE A 66 -7.06 -7.67 5.57
CA PHE A 66 -7.31 -8.59 6.66
C PHE A 66 -6.29 -8.39 7.76
N PRO A 67 -6.62 -8.81 8.99
CA PRO A 67 -5.73 -8.56 10.14
C PRO A 67 -4.40 -9.27 9.99
N MET A 68 -3.40 -8.72 10.68
CA MET A 68 -2.07 -9.27 10.60
C MET A 68 -1.91 -10.42 11.59
N PHE A 69 -2.89 -10.63 12.46
CA PHE A 69 -2.78 -11.62 13.52
C PHE A 69 -3.74 -12.75 13.28
N VAL A 70 -3.31 -13.97 13.66
CA VAL A 70 -4.18 -15.13 13.62
C VAL A 70 -4.05 -15.93 14.91
N SER A 71 -5.19 -16.35 15.45
CA SER A 71 -5.24 -17.06 16.72
C SER A 71 -4.55 -18.42 16.59
N ARG A 72 -3.95 -18.87 17.69
CA ARG A 72 -3.25 -20.17 17.68
C ARG A 72 -4.14 -21.26 17.07
N HIS A 73 -5.40 -21.31 17.51
CA HIS A 73 -6.23 -22.44 17.08
C HIS A 73 -6.78 -22.27 15.68
N LYS A 74 -6.77 -21.05 15.12
CA LYS A 74 -7.09 -20.91 13.71
C LYS A 74 -5.88 -21.16 12.81
N LEU A 75 -4.67 -20.86 13.28
CA LEU A 75 -3.51 -21.14 12.42
C LEU A 75 -3.18 -22.61 12.41
N GLU A 76 -3.36 -23.27 13.55
CA GLU A 76 -3.03 -24.69 13.66
C GLU A 76 -4.28 -25.53 13.45
N LYS A 77 -5.05 -25.14 12.44
CA LYS A 77 -6.28 -25.79 12.03
C LYS A 77 -6.03 -27.22 11.54
N SER A 86 5.38 -26.36 16.74
CA SER A 86 4.91 -25.13 16.06
C SER A 86 5.51 -24.84 14.67
N PRO A 87 4.74 -24.22 13.78
CA PRO A 87 5.33 -23.61 12.58
C PRO A 87 6.35 -22.53 12.93
N GLU A 88 7.12 -22.13 11.92
CA GLU A 88 8.19 -21.12 12.04
C GLU A 88 7.60 -19.73 12.02
N VAL A 89 6.64 -19.50 12.91
CA VAL A 89 5.93 -18.23 12.92
C VAL A 89 6.38 -17.50 14.16
N ALA A 90 6.22 -16.19 14.09
CA ALA A 90 6.41 -15.28 15.22
C ALA A 90 5.15 -15.26 16.08
N TRP A 91 5.28 -15.54 17.36
CA TRP A 91 4.15 -15.56 18.27
C TRP A 91 4.16 -14.33 19.16
N VAL A 92 3.06 -13.61 19.18
CA VAL A 92 2.80 -12.58 20.19
C VAL A 92 2.18 -13.27 21.39
N THR A 93 2.81 -13.11 22.55
CA THR A 93 2.33 -13.79 23.75
C THR A 93 1.96 -12.80 24.85
N HIS A 94 2.32 -11.53 24.70
CA HIS A 94 2.11 -10.57 25.79
C HIS A 94 1.67 -9.23 25.23
N TYR A 95 0.74 -8.59 25.91
CA TYR A 95 0.48 -7.16 25.74
C TYR A 95 0.97 -6.42 27.01
N GLY A 96 1.91 -5.50 26.80
CA GLY A 96 2.63 -4.97 27.94
C GLY A 96 3.23 -6.13 28.73
N ASP A 97 2.96 -6.17 30.02
CA ASP A 97 3.51 -7.25 30.84
C ASP A 97 2.52 -8.43 31.02
N SER A 98 1.33 -8.37 30.40
CA SER A 98 0.26 -9.32 30.66
C SER A 98 0.30 -10.40 29.62
N PRO A 99 0.20 -11.67 29.99
CA PRO A 99 0.11 -12.73 28.98
C PRO A 99 -1.25 -12.71 28.31
N LEU A 100 -1.26 -12.95 27.01
CA LEU A 100 -2.50 -13.25 26.31
C LEU A 100 -3.03 -14.60 26.82
N PRO A 101 -4.33 -14.74 26.98
CA PRO A 101 -4.88 -16.06 27.35
C PRO A 101 -4.65 -17.07 26.25
N GLU A 102 -4.53 -16.62 25.00
CA GLU A 102 -4.15 -17.46 23.87
C GLU A 102 -3.16 -16.68 23.01
N LYS A 103 -1.99 -17.24 22.77
CA LYS A 103 -1.04 -16.55 21.90
C LYS A 103 -1.60 -16.42 20.49
N ILE A 104 -1.10 -15.41 19.77
CA ILE A 104 -1.53 -15.13 18.41
C ILE A 104 -0.29 -15.01 17.55
N ALA A 105 -0.37 -15.47 16.30
CA ALA A 105 0.75 -15.44 15.39
C ALA A 105 0.67 -14.26 14.42
N ILE A 106 1.82 -13.76 14.01
CA ILE A 106 1.87 -12.84 12.87
C ILE A 106 1.73 -13.62 11.57
N ARG A 107 0.90 -13.15 10.66
CA ARG A 107 0.68 -13.89 9.42
C ARG A 107 1.90 -14.24 8.59
N PRO A 108 2.07 -15.53 8.27
CA PRO A 108 3.09 -15.89 7.29
C PRO A 108 2.52 -15.93 5.86
N THR A 109 1.19 -15.90 5.79
CA THR A 109 0.31 -15.92 4.62
C THR A 109 -1.08 -15.91 5.24
N SER A 110 -2.12 -15.63 4.45
CA SER A 110 -3.40 -15.30 5.08
C SER A 110 -4.52 -16.32 4.83
N GLU A 111 -4.23 -17.54 4.35
CA GLU A 111 -5.29 -18.54 4.21
C GLU A 111 -6.12 -18.73 5.49
N THR A 112 -5.45 -18.87 6.65
CA THR A 112 -6.24 -19.20 7.83
C THR A 112 -6.97 -17.98 8.37
N ILE A 113 -6.63 -16.80 7.87
CA ILE A 113 -7.29 -15.56 8.27
C ILE A 113 -8.48 -15.25 7.37
N MET A 114 -8.33 -15.52 6.06
CA MET A 114 -9.36 -15.18 5.08
C MET A 114 -10.41 -16.26 4.91
N TYR A 115 -10.01 -17.55 4.94
CA TYR A 115 -10.99 -18.53 4.47
C TYR A 115 -12.16 -18.76 5.44
N PRO A 116 -12.03 -18.52 6.75
CA PRO A 116 -13.26 -18.55 7.58
C PRO A 116 -14.25 -17.46 7.18
N ALA A 117 -13.75 -16.30 6.73
CA ALA A 117 -14.67 -15.28 6.21
C ALA A 117 -15.27 -15.72 4.88
N TYR A 118 -14.47 -16.36 4.01
CA TYR A 118 -15.02 -16.91 2.77
C TYR A 118 -16.16 -17.87 3.06
N ALA A 119 -16.00 -18.73 4.08
CA ALA A 119 -17.04 -19.69 4.42
C ALA A 119 -18.31 -18.99 4.86
N LYS A 120 -18.16 -17.84 5.53
CA LYS A 120 -19.34 -17.05 5.91
C LYS A 120 -19.97 -16.32 4.71
N TRP A 121 -19.17 -15.79 3.79
CA TRP A 121 -19.66 -14.94 2.70
C TRP A 121 -20.30 -15.72 1.56
N ILE A 122 -19.88 -16.96 1.36
CA ILE A 122 -20.29 -17.78 0.22
C ILE A 122 -21.38 -18.74 0.69
N ARG A 123 -22.61 -18.58 0.19
CA ARG A 123 -23.70 -19.48 0.54
C ARG A 123 -24.38 -20.08 -0.67
N SER A 124 -24.33 -19.36 -1.80
CA SER A 124 -25.09 -19.75 -2.97
C SER A 124 -24.24 -19.45 -4.19
N HIS A 125 -24.61 -20.08 -5.30
CA HIS A 125 -23.87 -19.86 -6.54
C HIS A 125 -23.87 -18.39 -6.96
N ARG A 126 -24.87 -17.62 -6.54
CA ARG A 126 -24.88 -16.19 -6.85
C ARG A 126 -23.72 -15.43 -6.20
N ASP A 127 -23.09 -16.02 -5.18
CA ASP A 127 -21.97 -15.38 -4.48
C ASP A 127 -20.64 -15.57 -5.19
N LEU A 128 -20.60 -16.32 -6.30
CA LEU A 128 -19.35 -16.68 -6.96
C LEU A 128 -19.26 -16.08 -8.35
N PRO A 129 -18.05 -15.73 -8.82
CA PRO A 129 -16.77 -15.91 -8.14
C PRO A 129 -16.53 -14.84 -7.09
N LEU A 130 -15.74 -15.18 -6.10
CA LEU A 130 -15.30 -14.23 -5.10
C LEU A 130 -13.82 -14.00 -5.36
N LYS A 131 -13.39 -12.75 -5.58
CA LYS A 131 -12.01 -12.48 -6.02
C LYS A 131 -11.43 -11.37 -5.18
N LEU A 132 -10.48 -11.69 -4.29
CA LEU A 132 -9.92 -10.65 -3.41
C LEU A 132 -8.41 -10.65 -3.51
N ASN A 133 -7.79 -9.50 -3.25
CA ASN A 133 -6.34 -9.39 -3.17
C ASN A 133 -6.00 -8.51 -1.97
N GLN A 134 -4.80 -8.69 -1.44
CA GLN A 134 -4.36 -7.69 -0.48
C GLN A 134 -2.87 -7.46 -0.59
N TRP A 135 -2.48 -6.19 -0.38
CA TRP A 135 -1.09 -5.77 -0.34
C TRP A 135 -0.73 -5.64 1.12
N CYS A 136 0.32 -6.37 1.56
CA CYS A 136 0.64 -6.31 2.98
C CYS A 136 2.04 -6.86 3.16
N SER A 137 2.47 -7.03 4.43
CA SER A 137 3.72 -7.71 4.62
C SER A 137 3.43 -8.98 5.40
N VAL A 138 4.31 -9.97 5.25
CA VAL A 138 4.17 -11.23 6.03
C VAL A 138 5.52 -11.53 6.65
N VAL A 139 5.50 -12.47 7.60
CA VAL A 139 6.67 -12.77 8.39
C VAL A 139 6.88 -14.28 8.45
N ARG A 140 8.09 -14.70 8.09
CA ARG A 140 8.48 -16.10 8.17
C ARG A 140 9.84 -16.16 8.87
N TRP A 141 9.83 -16.61 10.11
CA TRP A 141 10.97 -16.51 11.03
C TRP A 141 11.91 -17.71 10.88
N GLU A 142 12.56 -17.78 9.74
CA GLU A 142 13.50 -18.85 9.44
C GLU A 142 14.88 -18.49 10.03
N PHE A 143 15.66 -19.50 10.38
CA PHE A 143 16.96 -19.26 11.02
C PHE A 143 18.11 -19.29 10.03
N LYS A 144 17.85 -19.44 8.74
CA LYS A 144 18.87 -19.47 7.71
C LYS A 144 19.34 -18.02 7.43
N GLN A 145 20.44 -17.92 6.68
CA GLN A 145 21.04 -16.63 6.38
C GLN A 145 20.11 -15.85 5.45
N PRO A 146 19.83 -14.59 5.74
CA PRO A 146 18.97 -13.82 4.84
C PRO A 146 19.78 -13.13 3.76
N THR A 147 19.07 -12.71 2.72
CA THR A 147 19.63 -11.97 1.58
C THR A 147 18.68 -10.82 1.27
N PRO A 148 19.15 -9.57 1.32
CA PRO A 148 18.27 -8.43 1.02
C PRO A 148 17.53 -8.63 -0.30
N PHE A 149 16.26 -8.23 -0.30
CA PHE A 149 15.29 -8.39 -1.38
C PHE A 149 14.91 -9.86 -1.62
N LEU A 150 15.86 -10.80 -1.60
CA LEU A 150 15.56 -12.13 -2.13
C LEU A 150 14.95 -13.09 -1.12
N ARG A 151 15.44 -13.06 0.13
CA ARG A 151 15.04 -14.02 1.16
C ARG A 151 15.14 -13.31 2.51
N THR A 152 14.01 -12.82 3.03
CA THR A 152 14.03 -12.05 4.26
C THR A 152 12.94 -12.53 5.20
N ARG A 153 13.10 -12.18 6.48
CA ARG A 153 12.11 -12.57 7.49
C ARG A 153 10.79 -11.83 7.34
N GLU A 154 10.82 -10.53 7.07
CA GLU A 154 9.61 -9.77 6.78
C GLU A 154 9.73 -9.29 5.35
N PHE A 155 8.66 -9.49 4.57
CA PHE A 155 8.68 -8.95 3.21
C PHE A 155 7.29 -8.47 2.80
N LEU A 156 7.31 -7.44 1.94
CA LEU A 156 6.11 -6.95 1.29
C LEU A 156 5.68 -7.91 0.17
N TRP A 157 4.38 -8.09 0.02
CA TRP A 157 3.90 -8.85 -1.14
C TRP A 157 2.48 -8.44 -1.46
N GLN A 158 1.97 -8.98 -2.57
CA GLN A 158 0.57 -9.20 -2.66
C GLN A 158 0.23 -10.68 -2.65
N GLU A 159 -0.95 -10.96 -2.09
CA GLU A 159 -1.53 -12.29 -2.14
C GLU A 159 -3.01 -12.16 -2.53
N GLY A 160 -3.33 -12.88 -3.56
CA GLY A 160 -4.68 -12.93 -4.07
C GLY A 160 -5.28 -14.30 -3.78
N HIS A 161 -6.60 -14.31 -3.55
CA HIS A 161 -7.33 -15.53 -3.17
C HIS A 161 -8.70 -15.50 -3.83
N THR A 162 -9.00 -16.51 -4.65
CA THR A 162 -10.28 -16.50 -5.32
C THR A 162 -11.01 -17.83 -5.11
N ALA A 163 -12.31 -17.75 -5.24
CA ALA A 163 -13.17 -18.93 -5.14
C ALA A 163 -14.18 -18.95 -6.29
N HIS A 164 -14.39 -20.14 -6.87
CA HIS A 164 -15.14 -20.31 -8.11
C HIS A 164 -16.10 -21.48 -8.00
N ALA A 165 -17.13 -21.47 -8.85
CA ALA A 165 -18.08 -22.57 -8.87
C ALA A 165 -17.57 -23.78 -9.63
N THR A 166 -16.54 -23.60 -10.48
CA THR A 166 -16.02 -24.74 -11.24
C THR A 166 -14.51 -24.73 -11.29
N GLU A 167 -13.95 -25.92 -11.47
CA GLU A 167 -12.49 -26.04 -11.59
C GLU A 167 -11.97 -25.32 -12.82
N GLU A 168 -12.68 -25.40 -13.95
CA GLU A 168 -12.19 -24.80 -15.19
C GLU A 168 -12.10 -23.27 -15.09
N GLU A 169 -13.06 -22.64 -14.42
CA GLU A 169 -12.98 -21.21 -14.17
C GLU A 169 -11.79 -20.85 -13.28
N ALA A 170 -11.59 -21.60 -12.19
CA ALA A 170 -10.45 -21.33 -11.33
C ALA A 170 -9.13 -21.50 -12.10
N TRP A 171 -9.04 -22.54 -12.93
CA TRP A 171 -7.79 -22.78 -13.65
C TRP A 171 -7.51 -21.68 -14.64
N GLU A 172 -8.58 -21.17 -15.30
CA GLU A 172 -8.44 -20.03 -16.20
C GLU A 172 -7.86 -18.84 -15.48
N LEU A 173 -8.33 -18.58 -14.26
CA LEU A 173 -7.79 -17.44 -13.50
C LEU A 173 -6.34 -17.69 -13.11
N VAL A 174 -6.01 -18.91 -12.69
CA VAL A 174 -4.63 -19.24 -12.32
C VAL A 174 -3.70 -18.83 -13.44
N LEU A 175 -4.07 -19.22 -14.69
CA LEU A 175 -3.24 -18.95 -15.85
C LEU A 175 -3.24 -17.47 -16.22
N ASP A 176 -4.38 -16.77 -16.05
CA ASP A 176 -4.41 -15.32 -16.31
C ASP A 176 -3.48 -14.57 -15.33
N ILE A 177 -3.50 -14.97 -14.06
CA ILE A 177 -2.63 -14.32 -13.09
C ILE A 177 -1.17 -14.58 -13.45
N LEU A 178 -0.86 -15.83 -13.83
CA LEU A 178 0.52 -16.15 -14.12
C LEU A 178 1.01 -15.34 -15.30
N GLU A 179 0.12 -15.06 -16.25
CA GLU A 179 0.51 -14.22 -17.36
C GLU A 179 0.75 -12.78 -16.88
N LEU A 180 -0.02 -12.32 -15.88
CA LEU A 180 0.28 -11.01 -15.33
C LEU A 180 1.65 -10.99 -14.67
N TYR A 181 2.04 -12.09 -14.02
CA TYR A 181 3.37 -12.14 -13.40
C TYR A 181 4.47 -12.16 -14.45
N ARG A 182 4.23 -12.90 -15.56
CA ARG A 182 5.18 -12.80 -16.66
C ARG A 182 5.33 -11.34 -17.10
N ARG A 183 4.23 -10.61 -17.18
CA ARG A 183 4.32 -9.23 -17.67
C ARG A 183 4.99 -8.31 -16.62
N TRP A 184 4.72 -8.53 -15.35
CA TRP A 184 5.38 -7.79 -14.26
C TRP A 184 6.90 -7.88 -14.43
N TYR A 185 7.40 -9.12 -14.65
CA TYR A 185 8.84 -9.27 -14.81
C TYR A 185 9.33 -8.80 -16.18
N GLU A 186 8.69 -9.23 -17.27
CA GLU A 186 9.28 -9.01 -18.57
C GLU A 186 8.97 -7.61 -19.09
N GLU A 187 7.74 -7.15 -18.89
CA GLU A 187 7.36 -5.82 -19.41
C GLU A 187 7.80 -4.67 -18.49
N CYS A 188 7.68 -4.80 -17.16
CA CYS A 188 8.13 -3.71 -16.27
C CYS A 188 9.62 -3.81 -15.99
N LEU A 189 10.07 -4.97 -15.52
CA LEU A 189 11.45 -5.10 -15.02
C LEU A 189 12.45 -5.58 -16.07
N ALA A 190 11.99 -5.92 -17.28
CA ALA A 190 12.84 -6.40 -18.38
C ALA A 190 13.65 -7.64 -18.00
N VAL A 191 13.09 -8.47 -17.11
CA VAL A 191 13.68 -9.73 -16.71
C VAL A 191 12.95 -10.87 -17.41
N PRO A 192 13.65 -11.73 -18.18
CA PRO A 192 12.95 -12.87 -18.80
C PRO A 192 12.67 -13.95 -17.77
N VAL A 193 11.47 -14.54 -17.84
CA VAL A 193 11.13 -15.63 -16.93
C VAL A 193 10.52 -16.78 -17.73
N ILE A 194 10.53 -17.96 -17.12
CA ILE A 194 10.00 -19.16 -17.74
C ILE A 194 8.75 -19.53 -16.96
N LYS A 195 7.62 -19.68 -17.66
CA LYS A 195 6.40 -20.23 -17.04
C LYS A 195 6.46 -21.74 -16.98
N GLY A 196 6.01 -22.30 -15.82
CA GLY A 196 6.06 -23.76 -15.70
C GLY A 196 5.15 -24.24 -14.60
N GLU A 197 5.05 -25.56 -14.51
CA GLU A 197 4.36 -26.22 -13.41
C GLU A 197 5.36 -26.80 -12.39
N LYS A 198 5.10 -26.65 -11.08
CA LYS A 198 5.97 -27.32 -10.12
C LYS A 198 5.75 -28.84 -10.08
N SER A 199 6.84 -29.56 -9.77
CA SER A 199 6.77 -30.99 -9.52
C SER A 199 5.92 -31.27 -8.28
N GLU A 200 5.50 -32.54 -8.14
CA GLU A 200 4.72 -32.95 -6.97
C GLU A 200 5.45 -32.67 -5.68
N GLY A 201 6.78 -32.88 -5.65
CA GLY A 201 7.51 -32.59 -4.42
C GLY A 201 7.71 -31.10 -4.14
N GLU A 202 7.67 -30.26 -5.17
CA GLU A 202 7.91 -28.85 -4.98
C GLU A 202 6.64 -28.00 -4.88
N LYS A 203 5.47 -28.54 -5.23
CA LYS A 203 4.25 -27.73 -5.20
C LYS A 203 3.82 -27.42 -3.77
N PHE A 204 2.87 -26.50 -3.69
CA PHE A 204 2.27 -26.12 -2.42
C PHE A 204 1.43 -27.29 -1.96
N ALA A 205 1.73 -27.82 -0.77
CA ALA A 205 1.06 -29.03 -0.31
C ALA A 205 -0.44 -28.82 -0.11
N GLY A 206 -0.83 -27.61 0.24
CA GLY A 206 -2.22 -27.25 0.37
C GLY A 206 -3.04 -27.21 -0.91
N GLY A 207 -2.43 -27.48 -2.08
CA GLY A 207 -3.11 -27.27 -3.35
C GLY A 207 -3.05 -28.49 -4.26
N LYS A 208 -3.66 -28.34 -5.43
CA LYS A 208 -3.71 -29.38 -6.45
C LYS A 208 -2.59 -29.22 -7.45
N LYS A 209 -2.34 -27.99 -7.89
CA LYS A 209 -1.32 -27.75 -8.90
C LYS A 209 -0.71 -26.38 -8.64
N THR A 210 0.61 -26.29 -8.66
CA THR A 210 1.28 -25.01 -8.50
C THR A 210 1.95 -24.64 -9.82
N THR A 211 1.65 -23.44 -10.33
CA THR A 211 2.39 -22.88 -11.44
C THR A 211 3.31 -21.78 -10.94
N THR A 212 4.33 -21.48 -11.75
CA THR A 212 5.39 -20.58 -11.33
C THR A 212 5.95 -19.84 -12.53
N VAL A 213 6.59 -18.69 -12.27
CA VAL A 213 7.54 -18.13 -13.22
C VAL A 213 8.90 -18.20 -12.55
N GLU A 214 9.89 -18.72 -13.26
CA GLU A 214 11.23 -18.92 -12.76
C GLU A 214 12.20 -18.00 -13.48
N ALA A 215 13.15 -17.44 -12.72
CA ALA A 215 14.23 -16.63 -13.26
C ALA A 215 15.57 -17.32 -13.02
N PHE A 216 16.59 -16.81 -13.71
CA PHE A 216 17.90 -17.45 -13.71
C PHE A 216 18.95 -16.38 -13.42
N ILE A 217 19.90 -16.70 -12.53
CA ILE A 217 20.99 -15.80 -12.20
C ILE A 217 22.29 -16.38 -12.75
N PRO A 218 22.81 -15.83 -13.86
CA PRO A 218 23.99 -16.43 -14.49
C PRO A 218 25.22 -16.39 -13.62
N GLU A 219 25.39 -15.38 -12.76
CA GLU A 219 26.68 -15.25 -12.08
C GLU A 219 26.90 -16.35 -11.04
N ASN A 220 25.83 -16.90 -10.45
CA ASN A 220 25.99 -18.04 -9.57
C ASN A 220 25.31 -19.29 -10.09
N GLY A 221 24.73 -19.24 -11.28
CA GLY A 221 24.17 -20.44 -11.88
C GLY A 221 22.86 -20.87 -11.27
N ARG A 222 22.21 -20.03 -10.49
CA ARG A 222 21.07 -20.50 -9.70
C ARG A 222 19.73 -20.05 -10.28
N GLY A 223 18.76 -20.97 -10.28
CA GLY A 223 17.36 -20.57 -10.53
C GLY A 223 16.72 -20.00 -9.27
N ILE A 224 15.71 -19.15 -9.48
CA ILE A 224 15.00 -18.55 -8.36
C ILE A 224 13.53 -18.42 -8.74
N GLN A 225 12.65 -18.83 -7.83
CA GLN A 225 11.23 -18.68 -8.07
C GLN A 225 10.86 -17.22 -8.00
N ALA A 226 10.22 -16.72 -9.06
CA ALA A 226 9.92 -15.30 -9.16
C ALA A 226 8.52 -14.92 -8.67
N ALA A 227 7.53 -15.80 -8.85
CA ALA A 227 6.13 -15.60 -8.44
C ALA A 227 5.41 -16.93 -8.60
N THR A 228 4.20 -17.02 -8.03
CA THR A 228 3.54 -18.34 -8.00
C THR A 228 2.04 -18.18 -8.10
N SER A 229 1.38 -19.16 -8.71
CA SER A 229 -0.06 -19.10 -8.85
C SER A 229 -0.61 -20.51 -8.73
N HIS A 230 -1.45 -20.74 -7.71
CA HIS A 230 -1.87 -22.10 -7.35
C HIS A 230 -3.31 -22.41 -7.73
N LEU A 231 -3.53 -23.60 -8.28
CA LEU A 231 -4.85 -24.20 -8.35
C LEU A 231 -5.04 -25.00 -7.07
N LEU A 232 -5.90 -24.53 -6.17
CA LEU A 232 -6.08 -25.17 -4.86
C LEU A 232 -7.07 -26.32 -4.89
N GLY A 233 -7.90 -26.40 -5.93
CA GLY A 233 -8.95 -27.40 -5.98
C GLY A 233 -9.96 -27.10 -4.88
N THR A 234 -10.41 -28.17 -4.24
CA THR A 234 -11.42 -28.11 -3.19
C THR A 234 -10.87 -28.46 -1.82
N ASN A 235 -9.55 -28.67 -1.69
CA ASN A 235 -9.00 -29.11 -0.40
C ASN A 235 -9.26 -28.08 0.72
N PHE A 236 -8.98 -26.81 0.47
CA PHE A 236 -9.26 -25.81 1.49
C PHE A 236 -10.76 -25.62 1.69
N ALA A 237 -11.55 -25.79 0.63
CA ALA A 237 -13.01 -25.70 0.78
C ALA A 237 -13.51 -26.78 1.74
N LYS A 238 -12.90 -27.97 1.68
CA LYS A 238 -13.23 -29.02 2.62
C LYS A 238 -12.86 -28.62 4.04
N MET A 239 -11.62 -28.15 4.22
CA MET A 239 -11.11 -27.85 5.56
C MET A 239 -11.87 -26.71 6.23
N PHE A 240 -12.26 -25.68 5.48
CA PHE A 240 -12.92 -24.51 6.05
C PHE A 240 -14.42 -24.53 5.84
N GLU A 241 -14.95 -25.61 5.25
CA GLU A 241 -16.37 -25.76 4.95
C GLU A 241 -16.87 -24.56 4.15
N ILE A 242 -16.23 -24.33 3.01
CA ILE A 242 -16.61 -23.26 2.09
C ILE A 242 -17.46 -23.92 1.01
N GLU A 243 -18.78 -23.86 1.17
CA GLU A 243 -19.69 -24.55 0.26
C GLU A 243 -20.77 -23.60 -0.21
N PHE A 244 -21.39 -23.98 -1.33
CA PHE A 244 -22.44 -23.16 -1.91
C PHE A 244 -23.54 -24.05 -2.44
N GLU A 245 -24.77 -23.56 -2.36
CA GLU A 245 -25.94 -24.21 -2.95
C GLU A 245 -25.95 -23.92 -4.45
N ASP A 246 -25.93 -24.96 -5.28
CA ASP A 246 -25.76 -24.72 -6.70
C ASP A 246 -27.10 -24.40 -7.37
N GLU A 247 -27.04 -24.02 -8.66
CA GLU A 247 -28.20 -23.62 -9.46
C GLU A 247 -29.34 -24.62 -9.37
N GLU A 248 -29.07 -25.85 -8.92
CA GLU A 248 -30.09 -26.87 -8.73
C GLU A 248 -30.35 -27.21 -7.27
N GLY A 249 -29.57 -26.69 -6.33
CA GLY A 249 -29.92 -26.81 -4.91
C GLY A 249 -29.07 -27.72 -4.05
N HIS A 250 -28.02 -28.33 -4.58
CA HIS A 250 -27.17 -29.23 -3.80
C HIS A 250 -25.93 -28.49 -3.34
N LYS A 251 -25.46 -28.83 -2.13
CA LYS A 251 -24.25 -28.22 -1.58
C LYS A 251 -23.02 -28.73 -2.31
N ARG A 252 -22.13 -27.81 -2.71
CA ARG A 252 -20.94 -28.12 -3.47
C ARG A 252 -19.78 -27.33 -2.88
N LEU A 253 -18.59 -27.91 -2.98
CA LEU A 253 -17.37 -27.22 -2.58
C LEU A 253 -16.94 -26.23 -3.64
N VAL A 254 -16.43 -25.07 -3.19
CA VAL A 254 -15.86 -24.13 -4.14
C VAL A 254 -14.50 -24.62 -4.62
N HIS A 255 -14.06 -24.07 -5.74
CA HIS A 255 -12.75 -24.35 -6.31
C HIS A 255 -11.91 -23.10 -6.17
N GLN A 256 -10.74 -23.21 -5.55
CA GLN A 256 -10.06 -21.98 -5.16
C GLN A 256 -8.71 -21.82 -5.85
N THR A 257 -8.23 -20.57 -5.86
CA THR A 257 -6.89 -20.24 -6.30
C THR A 257 -6.25 -19.34 -5.26
N SER A 258 -4.92 -19.33 -5.25
CA SER A 258 -4.18 -18.31 -4.50
C SER A 258 -2.89 -18.03 -5.26
N TRP A 259 -2.36 -16.83 -5.06
CA TRP A 259 -1.24 -16.40 -5.90
C TRP A 259 -0.50 -15.24 -5.22
N GLY A 260 0.81 -15.15 -5.45
CA GLY A 260 1.50 -14.05 -4.68
C GLY A 260 2.81 -13.72 -5.35
N CYS A 261 3.26 -12.49 -5.12
CA CYS A 261 4.50 -11.95 -5.69
C CYS A 261 5.08 -10.99 -4.76
N THR A 262 6.41 -10.90 -4.61
CA THR A 262 7.02 -10.11 -3.51
C THR A 262 8.07 -9.12 -4.05
N THR A 263 8.65 -8.38 -3.09
CA THR A 263 9.76 -7.51 -3.45
C THR A 263 10.99 -8.29 -3.89
N ARG A 264 11.01 -9.62 -3.76
CA ARG A 264 12.06 -10.40 -4.45
C ARG A 264 12.24 -9.97 -5.91
N SER A 265 11.16 -9.50 -6.53
CA SER A 265 11.22 -9.07 -7.91
C SER A 265 12.18 -7.91 -8.13
N LEU A 266 12.39 -7.05 -7.11
CA LEU A 266 13.41 -6.01 -7.21
C LEU A 266 14.82 -6.59 -7.18
N GLY A 267 15.06 -7.57 -6.28
CA GLY A 267 16.37 -8.18 -6.23
C GLY A 267 16.74 -8.89 -7.54
N VAL A 268 15.76 -9.56 -8.14
CA VAL A 268 16.01 -10.22 -9.42
C VAL A 268 16.36 -9.18 -10.46
N MET A 269 15.65 -8.03 -10.45
CA MET A 269 15.95 -6.99 -11.43
C MET A 269 17.36 -6.47 -11.22
N ILE A 270 17.74 -6.29 -9.95
CA ILE A 270 19.06 -5.72 -9.68
C ILE A 270 20.12 -6.66 -10.20
N MET A 271 19.94 -7.96 -9.96
CA MET A 271 20.97 -8.91 -10.38
C MET A 271 20.97 -9.08 -11.88
N THR A 272 19.82 -8.86 -12.52
CA THR A 272 19.79 -9.11 -13.95
C THR A 272 20.53 -8.03 -14.73
N HIS A 273 20.31 -6.75 -14.41
CA HIS A 273 20.79 -5.65 -15.24
C HIS A 273 22.00 -4.89 -14.68
N GLY A 274 22.34 -5.10 -13.41
CA GLY A 274 23.43 -4.33 -12.81
C GLY A 274 24.74 -4.64 -13.49
N ASP A 275 25.71 -3.74 -13.33
CA ASP A 275 27.01 -3.97 -13.94
C ASP A 275 28.08 -3.53 -12.95
N ASP A 276 29.33 -3.46 -13.42
CA ASP A 276 30.43 -3.09 -12.52
C ASP A 276 30.30 -1.68 -11.99
N LYS A 277 29.55 -0.79 -12.64
CA LYS A 277 29.43 0.57 -12.11
C LYS A 277 28.25 0.70 -11.16
N GLY A 278 27.38 -0.30 -11.08
CA GLY A 278 26.28 -0.32 -10.14
C GLY A 278 24.98 -0.72 -10.79
N LEU A 279 23.89 -0.13 -10.32
CA LEU A 279 22.57 -0.52 -10.80
C LEU A 279 22.34 -0.02 -12.21
N VAL A 280 21.41 -0.69 -12.90
CA VAL A 280 20.86 -0.19 -14.16
C VAL A 280 19.36 -0.40 -14.04
N ILE A 281 18.58 0.67 -14.00
CA ILE A 281 17.13 0.55 -13.76
C ILE A 281 16.41 0.67 -15.09
N PRO A 282 15.55 -0.29 -15.46
CA PRO A 282 14.80 -0.17 -16.71
C PRO A 282 13.93 1.09 -16.67
N PRO A 283 13.87 1.83 -17.80
CA PRO A 283 13.10 3.08 -17.83
C PRO A 283 11.66 2.95 -17.37
N ARG A 284 11.02 1.79 -17.59
CA ARG A 284 9.62 1.69 -17.24
C ARG A 284 9.37 1.71 -15.73
N VAL A 285 10.39 1.47 -14.89
CA VAL A 285 10.22 1.50 -13.45
C VAL A 285 11.13 2.50 -12.76
N ALA A 286 11.95 3.24 -13.52
CA ALA A 286 12.81 4.24 -12.90
C ALA A 286 11.99 5.44 -12.46
N SER A 287 12.13 5.81 -11.18
CA SER A 287 11.42 7.01 -10.69
C SER A 287 12.02 8.27 -11.29
N VAL A 288 13.31 8.27 -11.54
CA VAL A 288 13.97 9.28 -12.36
C VAL A 288 14.42 8.61 -13.65
N GLN A 289 13.82 9.00 -14.76
CA GLN A 289 14.24 8.48 -16.05
C GLN A 289 15.39 9.30 -16.64
N VAL A 290 15.37 10.61 -16.39
CA VAL A 290 16.39 11.53 -16.93
C VAL A 290 16.85 12.41 -15.79
N VAL A 291 18.14 12.40 -15.49
CA VAL A 291 18.69 13.36 -14.56
C VAL A 291 19.40 14.43 -15.38
N ILE A 292 19.08 15.69 -15.09
CA ILE A 292 19.74 16.83 -15.71
C ILE A 292 20.81 17.30 -14.74
N ILE A 293 22.05 17.35 -15.23
CA ILE A 293 23.19 17.71 -14.40
C ILE A 293 23.76 18.99 -14.99
N PRO A 294 23.55 20.11 -14.33
CA PRO A 294 24.20 21.34 -14.80
C PRO A 294 25.70 21.27 -14.54
N ILE A 295 26.48 21.67 -15.55
CA ILE A 295 27.93 21.68 -15.43
C ILE A 295 28.26 23.03 -14.79
N LEU A 296 28.15 23.07 -13.48
CA LEU A 296 28.16 24.30 -12.71
C LEU A 296 28.89 24.02 -11.42
N PHE A 297 29.79 24.92 -11.06
CA PHE A 297 30.59 24.78 -9.86
C PHE A 297 30.11 25.77 -8.81
N LYS A 298 30.48 25.49 -7.55
CA LYS A 298 29.85 26.17 -6.42
C LYS A 298 30.16 27.66 -6.44
N ASP A 299 29.16 28.45 -6.01
CA ASP A 299 29.23 29.91 -5.99
C ASP A 299 29.59 30.50 -7.35
N GLU A 300 29.16 29.81 -8.41
CA GLU A 300 29.33 30.27 -9.78
C GLU A 300 28.00 30.41 -10.50
N ASN A 301 26.89 30.10 -9.84
CA ASN A 301 25.57 30.11 -10.45
C ASN A 301 25.17 31.53 -10.85
N THR A 302 24.97 31.75 -12.15
CA THR A 302 24.56 33.03 -12.69
C THR A 302 23.08 33.08 -13.02
N GLY A 303 22.44 31.93 -13.24
CA GLY A 303 21.09 31.82 -13.72
C GLY A 303 20.97 31.30 -15.13
N GLU A 304 22.02 31.44 -15.96
CA GLU A 304 21.95 31.00 -17.35
C GLU A 304 21.72 29.50 -17.43
N ILE A 305 22.59 28.72 -16.79
CA ILE A 305 22.53 27.27 -16.91
C ILE A 305 21.26 26.73 -16.26
N LEU A 306 21.00 27.11 -15.01
CA LEU A 306 19.83 26.57 -14.33
C LEU A 306 18.53 27.02 -14.99
N GLY A 307 18.52 28.25 -15.52
CA GLY A 307 17.36 28.70 -16.27
C GLY A 307 17.03 27.79 -17.43
N LYS A 308 18.05 27.47 -18.25
CA LYS A 308 17.77 26.52 -19.32
C LYS A 308 17.44 25.12 -18.79
N CYS A 309 18.07 24.69 -17.70
CA CYS A 309 17.72 23.37 -17.17
C CYS A 309 16.25 23.30 -16.82
N ARG A 310 15.72 24.36 -16.21
CA ARG A 310 14.29 24.45 -15.88
C ARG A 310 13.44 24.40 -17.14
N GLU A 311 13.82 25.17 -18.17
CA GLU A 311 13.07 25.13 -19.42
C GLU A 311 13.05 23.73 -20.02
N LEU A 312 14.19 23.04 -19.98
CA LEU A 312 14.25 21.69 -20.53
C LEU A 312 13.40 20.73 -19.72
N LYS A 313 13.46 20.82 -18.39
CA LYS A 313 12.65 19.94 -17.56
C LYS A 313 11.17 20.13 -17.84
N THR A 314 10.72 21.39 -17.97
CA THR A 314 9.31 21.61 -18.24
C THR A 314 8.90 21.00 -19.58
N MET A 315 9.76 21.16 -20.59
CA MET A 315 9.45 20.59 -21.89
C MET A 315 9.39 19.06 -21.82
N LEU A 316 10.38 18.43 -21.18
CA LEU A 316 10.41 16.98 -21.13
C LEU A 316 9.21 16.44 -20.34
N GLU A 317 8.81 17.14 -19.27
CA GLU A 317 7.70 16.68 -18.44
C GLU A 317 6.40 16.70 -19.22
N LYS A 318 6.23 17.73 -20.07
CA LYS A 318 5.05 17.72 -20.93
C LYS A 318 5.05 16.55 -21.92
N ALA A 319 6.12 15.75 -21.97
CA ALA A 319 6.13 14.45 -22.63
C ALA A 319 5.96 13.31 -21.65
N ASP A 320 5.60 13.61 -20.40
CA ASP A 320 5.50 12.63 -19.31
C ASP A 320 6.82 11.88 -19.09
N ILE A 321 7.94 12.56 -19.27
CA ILE A 321 9.23 12.01 -18.89
C ILE A 321 9.49 12.37 -17.43
N ARG A 322 9.95 11.38 -16.65
CA ARG A 322 10.27 11.60 -15.26
C ARG A 322 11.69 12.19 -15.16
N VAL A 323 11.76 13.47 -14.80
CA VAL A 323 13.01 14.25 -14.85
C VAL A 323 13.32 14.83 -13.47
N ARG A 324 14.61 14.81 -13.11
CA ARG A 324 15.11 15.48 -11.93
C ARG A 324 16.28 16.37 -12.36
N ILE A 325 16.31 17.60 -11.89
CA ILE A 325 17.49 18.43 -12.03
C ILE A 325 18.30 18.25 -10.75
N ASP A 326 19.53 17.77 -10.88
CA ASP A 326 20.41 17.77 -9.71
C ASP A 326 21.11 19.11 -9.65
N ASP A 327 20.45 20.11 -9.03
CA ASP A 327 21.00 21.44 -8.83
C ASP A 327 21.62 21.62 -7.44
N ARG A 328 21.99 20.51 -6.79
CA ARG A 328 22.62 20.58 -5.48
C ARG A 328 23.94 21.33 -5.57
N SER A 329 24.10 22.32 -4.70
CA SER A 329 25.17 23.29 -4.89
C SER A 329 26.53 22.73 -4.49
N ASN A 330 26.59 21.79 -3.55
CA ASN A 330 27.88 21.44 -2.96
C ASN A 330 28.37 20.05 -3.38
N TYR A 331 28.33 19.76 -4.69
CA TYR A 331 28.90 18.57 -5.30
C TYR A 331 29.38 18.95 -6.71
N THR A 332 30.49 18.40 -7.14
CA THR A 332 30.97 18.71 -8.49
C THR A 332 30.14 17.97 -9.51
N PRO A 333 30.20 18.37 -10.79
CA PRO A 333 29.47 17.61 -11.81
C PRO A 333 29.94 16.17 -11.96
N GLY A 334 31.25 15.90 -11.87
CA GLY A 334 31.72 14.52 -11.98
C GLY A 334 31.22 13.64 -10.85
N TRP A 335 31.23 14.16 -9.61
CA TRP A 335 30.59 13.48 -8.49
C TRP A 335 29.15 13.14 -8.81
N LYS A 336 28.42 14.12 -9.36
CA LYS A 336 27.03 13.86 -9.72
C LYS A 336 26.92 12.76 -10.77
N TYR A 337 27.81 12.76 -11.78
CA TYR A 337 27.73 11.73 -12.82
C TYR A 337 27.83 10.35 -12.19
N ASN A 338 28.83 10.17 -11.30
CA ASN A 338 29.01 8.85 -10.66
C ASN A 338 27.85 8.51 -9.75
N HIS A 339 27.34 9.49 -8.98
CA HIS A 339 26.22 9.25 -8.08
C HIS A 339 25.03 8.64 -8.82
N TRP A 340 24.63 9.31 -9.91
CA TRP A 340 23.45 8.82 -10.61
C TRP A 340 23.75 7.59 -11.45
N GLU A 341 25.02 7.34 -11.81
CA GLU A 341 25.36 6.08 -12.45
C GLU A 341 25.21 4.91 -11.47
N VAL A 342 25.73 5.06 -10.25
CA VAL A 342 25.58 4.01 -9.25
C VAL A 342 24.10 3.75 -8.99
N LYS A 343 23.29 4.80 -9.01
CA LYS A 343 21.85 4.60 -8.80
C LYS A 343 21.13 4.02 -10.03
N GLY A 344 21.75 3.95 -11.20
CA GLY A 344 21.11 3.33 -12.33
C GLY A 344 20.12 4.18 -13.12
N VAL A 345 20.16 5.50 -12.97
CA VAL A 345 19.27 6.36 -13.78
C VAL A 345 19.54 6.10 -15.25
N PRO A 346 18.53 5.78 -16.06
CA PRO A 346 18.83 5.31 -17.43
C PRO A 346 19.45 6.37 -18.35
N LEU A 347 19.14 7.66 -18.19
CA LEU A 347 19.69 8.71 -19.06
C LEU A 347 20.20 9.88 -18.24
N ARG A 348 21.40 10.36 -18.57
CA ARG A 348 21.92 11.58 -17.99
C ARG A 348 21.92 12.66 -19.07
N LEU A 349 21.34 13.82 -18.78
CA LEU A 349 21.40 14.99 -19.68
C LEU A 349 22.35 16.01 -19.07
N GLU A 350 23.40 16.35 -19.81
CA GLU A 350 24.45 17.26 -19.38
C GLU A 350 24.23 18.61 -20.05
N LEU A 351 24.30 19.67 -19.23
CA LEU A 351 24.11 21.04 -19.72
C LEU A 351 25.17 21.94 -19.10
N GLY A 352 26.17 22.30 -19.91
CA GLY A 352 27.16 23.25 -19.47
C GLY A 352 27.26 24.43 -20.42
N PRO A 353 28.28 25.25 -20.20
CA PRO A 353 28.44 26.45 -21.04
C PRO A 353 28.50 26.17 -22.53
N LYS A 354 29.20 25.11 -22.96
CA LYS A 354 29.28 24.90 -24.41
C LYS A 354 27.92 24.52 -24.98
N ASP A 355 27.22 23.64 -24.28
CA ASP A 355 25.89 23.22 -24.70
C ASP A 355 24.98 24.43 -24.87
N LEU A 356 25.02 25.35 -23.90
CA LEU A 356 24.26 26.59 -24.05
C LEU A 356 24.69 27.34 -25.30
N ALA A 357 26.00 27.45 -25.53
CA ALA A 357 26.46 28.22 -26.70
C ALA A 357 26.09 27.54 -28.01
N LYS A 358 25.81 26.23 -28.01
CA LYS A 358 25.43 25.52 -29.23
C LYS A 358 23.94 25.25 -29.36
N GLY A 359 23.17 25.37 -28.28
CA GLY A 359 21.76 25.01 -28.38
C GLY A 359 21.52 23.52 -28.34
N THR A 360 22.44 22.75 -27.79
CA THR A 360 22.34 21.31 -27.73
C THR A 360 22.50 20.85 -26.30
N ALA A 361 22.29 19.56 -26.08
CA ALA A 361 22.60 18.94 -24.80
C ALA A 361 23.26 17.60 -25.06
N ARG A 362 24.07 17.16 -24.12
CA ARG A 362 24.71 15.87 -24.28
C ARG A 362 23.96 14.85 -23.44
N VAL A 363 23.45 13.80 -24.08
CA VAL A 363 22.68 12.76 -23.37
C VAL A 363 23.49 11.47 -23.37
N VAL A 364 23.58 10.81 -22.21
CA VAL A 364 24.39 9.61 -22.07
C VAL A 364 23.50 8.52 -21.51
N ARG A 365 23.44 7.38 -22.22
CA ARG A 365 22.64 6.26 -21.74
C ARG A 365 23.46 5.36 -20.82
N ARG A 366 22.80 4.89 -19.77
CA ARG A 366 23.45 4.19 -18.67
C ARG A 366 23.87 2.79 -19.07
N ASP A 367 23.05 2.12 -19.87
CA ASP A 367 23.27 0.70 -20.16
C ASP A 367 24.54 0.49 -20.99
N THR A 368 24.77 1.33 -22.01
CA THR A 368 25.91 1.17 -22.90
C THR A 368 26.93 2.29 -22.82
N GLY A 369 26.63 3.39 -22.13
CA GLY A 369 27.54 4.50 -22.15
C GLY A 369 27.52 5.35 -23.41
N GLU A 370 26.71 5.01 -24.41
CA GLU A 370 26.72 5.81 -25.64
C GLU A 370 26.21 7.23 -25.40
N ALA A 371 26.86 8.19 -26.04
CA ALA A 371 26.51 9.59 -25.91
C ALA A 371 25.93 10.12 -27.22
N TYR A 372 25.01 11.08 -27.09
CA TYR A 372 24.29 11.69 -28.20
C TYR A 372 24.28 13.21 -28.03
N GLN A 373 24.52 13.94 -29.12
CA GLN A 373 24.33 15.38 -29.10
C GLN A 373 22.96 15.67 -29.66
N ILE A 374 22.11 16.33 -28.88
CA ILE A 374 20.71 16.52 -29.30
C ILE A 374 20.36 18.00 -29.23
N SER A 375 19.77 18.53 -30.30
CA SER A 375 19.21 19.87 -30.26
C SER A 375 18.11 19.95 -29.20
N TRP A 376 18.03 21.10 -28.52
CA TRP A 376 17.00 21.28 -27.50
C TRP A 376 15.62 20.90 -28.04
N ALA A 377 15.28 21.40 -29.23
CA ALA A 377 13.97 21.15 -29.82
C ALA A 377 13.73 19.66 -30.05
N ASP A 378 14.79 18.89 -30.32
CA ASP A 378 14.64 17.46 -30.58
C ASP A 378 14.60 16.62 -29.31
N LEU A 379 14.77 17.23 -28.12
CA LEU A 379 15.02 16.40 -26.94
C LEU A 379 13.86 15.46 -26.64
N ALA A 380 12.63 15.99 -26.55
CA ALA A 380 11.53 15.18 -26.02
C ALA A 380 11.27 13.93 -26.86
N PRO A 381 11.08 14.00 -28.17
CA PRO A 381 10.89 12.74 -28.92
C PRO A 381 12.11 11.85 -28.87
N LYS A 382 13.31 12.42 -29.04
CA LYS A 382 14.53 11.62 -29.02
C LYS A 382 14.65 10.83 -27.71
N LEU A 383 14.48 11.49 -26.57
CA LEU A 383 14.60 10.80 -25.29
C LEU A 383 13.54 9.70 -25.17
N LEU A 384 12.31 9.98 -25.63
CA LEU A 384 11.32 8.90 -25.61
C LEU A 384 11.84 7.69 -26.39
N GLU A 385 12.39 7.96 -27.57
CA GLU A 385 12.92 6.89 -28.40
C GLU A 385 14.03 6.16 -27.68
N LEU A 386 14.96 6.91 -27.06
CA LEU A 386 16.08 6.25 -26.39
C LEU A 386 15.58 5.38 -25.26
N MET A 387 14.55 5.83 -24.55
CA MET A 387 14.11 5.01 -23.43
C MET A 387 13.48 3.73 -23.94
N GLU A 388 12.72 3.82 -25.03
CA GLU A 388 12.17 2.57 -25.57
C GLU A 388 13.32 1.65 -25.97
N GLY A 389 14.40 2.23 -26.49
CA GLY A 389 15.53 1.43 -26.88
C GLY A 389 16.25 0.78 -25.71
N ILE A 390 16.38 1.51 -24.59
CA ILE A 390 17.09 0.95 -23.44
C ILE A 390 16.29 -0.21 -22.85
N GLN A 391 14.99 -0.03 -22.66
CA GLN A 391 14.15 -1.09 -22.12
C GLN A 391 14.24 -2.40 -22.94
N ARG A 392 14.01 -2.26 -24.24
CA ARG A 392 14.07 -3.39 -25.15
C ARG A 392 15.43 -4.07 -25.12
N SER A 393 16.48 -3.29 -25.24
CA SER A 393 17.83 -3.81 -25.17
C SER A 393 18.17 -4.53 -23.87
N LEU A 394 17.71 -3.99 -22.75
CA LEU A 394 17.95 -4.61 -21.46
C LEU A 394 17.30 -5.97 -21.46
N PHE A 395 16.06 -6.03 -21.91
CA PHE A 395 15.39 -7.31 -21.94
C PHE A 395 16.02 -8.32 -22.93
N GLU A 396 16.47 -7.84 -24.08
CA GLU A 396 16.93 -8.77 -25.11
C GLU A 396 18.29 -9.33 -24.76
N LYS A 397 19.12 -8.55 -24.08
CA LYS A 397 20.40 -9.05 -23.60
C LYS A 397 20.18 -10.06 -22.48
N ALA A 398 19.22 -9.78 -21.60
CA ALA A 398 18.97 -10.72 -20.49
C ALA A 398 18.41 -12.04 -21.00
N LYS A 399 17.50 -11.96 -21.98
CA LYS A 399 16.96 -13.17 -22.57
C LYS A 399 18.08 -13.97 -23.24
N ALA A 400 19.05 -13.29 -23.87
CA ALA A 400 20.11 -14.05 -24.50
C ALA A 400 20.89 -14.82 -23.45
N ARG A 401 21.13 -14.18 -22.31
CA ARG A 401 21.89 -14.86 -21.27
C ARG A 401 21.08 -16.01 -20.72
N LEU A 402 19.76 -15.84 -20.62
CA LEU A 402 18.95 -16.95 -20.14
C LEU A 402 19.11 -18.15 -21.05
N HIS A 403 19.16 -17.89 -22.37
CA HIS A 403 19.22 -18.98 -23.34
C HIS A 403 20.60 -19.63 -23.30
N GLU A 404 21.64 -18.82 -23.09
CA GLU A 404 22.96 -19.43 -23.06
C GLU A 404 23.16 -20.26 -21.81
N GLY A 405 22.34 -20.04 -20.80
CA GLY A 405 22.44 -20.70 -19.52
C GLY A 405 21.67 -22.01 -19.35
N ILE A 406 20.98 -22.52 -20.37
CA ILE A 406 20.19 -23.73 -20.25
C ILE A 406 20.72 -24.76 -21.23
N GLU A 407 21.16 -25.92 -20.72
CA GLU A 407 21.63 -27.01 -21.57
C GLU A 407 20.57 -28.09 -21.65
N LYS A 408 20.26 -28.50 -22.88
CA LYS A 408 19.41 -29.66 -23.09
C LYS A 408 20.28 -30.90 -22.93
N ILE A 409 19.83 -31.86 -22.13
CA ILE A 409 20.58 -33.10 -21.92
C ILE A 409 19.70 -34.34 -22.07
N SER A 410 20.37 -35.50 -22.19
CA SER A 410 19.76 -36.80 -22.35
C SER A 410 19.91 -37.71 -21.16
N THR A 411 21.10 -37.76 -20.57
CA THR A 411 21.45 -38.72 -19.56
C THR A 411 21.99 -38.02 -18.33
N PHE A 412 21.98 -38.76 -17.22
CA PHE A 412 22.43 -38.18 -15.97
C PHE A 412 23.91 -37.80 -15.99
N ASP A 413 24.73 -38.53 -16.75
CA ASP A 413 26.16 -38.20 -16.70
C ASP A 413 26.47 -36.81 -17.27
N GLU A 414 25.54 -36.17 -17.99
CA GLU A 414 25.75 -34.81 -18.47
C GLU A 414 25.53 -33.75 -17.38
N VAL A 415 24.97 -34.14 -16.23
CA VAL A 415 24.42 -33.15 -15.31
C VAL A 415 25.52 -32.40 -14.58
N MET A 416 26.47 -33.11 -13.98
CA MET A 416 27.50 -32.40 -13.22
C MET A 416 28.33 -31.47 -14.10
N PRO A 417 28.75 -31.84 -15.32
CA PRO A 417 29.46 -30.85 -16.13
C PRO A 417 28.64 -29.59 -16.37
N ALA A 418 27.35 -29.72 -16.64
CA ALA A 418 26.50 -28.55 -16.87
C ALA A 418 26.40 -27.70 -15.63
N LEU A 419 26.19 -28.31 -14.47
CA LEU A 419 26.16 -27.56 -13.21
C LEU A 419 27.50 -26.89 -12.98
N ASN A 420 28.61 -27.50 -13.41
CA ASN A 420 29.90 -26.86 -13.17
C ASN A 420 30.13 -25.68 -14.11
N ARG A 421 29.40 -25.60 -15.22
CA ARG A 421 29.38 -24.41 -16.06
C ARG A 421 28.37 -23.37 -15.59
N LYS A 422 27.77 -23.59 -14.42
CA LYS A 422 26.77 -22.68 -13.83
C LYS A 422 25.55 -22.56 -14.73
N HIS A 423 25.12 -23.68 -15.28
CA HIS A 423 23.99 -23.73 -16.18
C HIS A 423 22.84 -24.49 -15.54
N LEU A 424 21.64 -24.22 -16.04
CA LEU A 424 20.50 -25.09 -15.84
C LEU A 424 20.48 -26.22 -16.86
N VAL A 425 19.72 -27.28 -16.58
CA VAL A 425 19.57 -28.35 -17.56
C VAL A 425 18.10 -28.58 -17.87
N LEU A 426 17.81 -28.88 -19.12
CA LEU A 426 16.47 -29.29 -19.54
C LEU A 426 16.57 -30.74 -19.93
N ALA A 427 15.76 -31.59 -19.31
CA ALA A 427 15.98 -33.01 -19.39
C ALA A 427 14.64 -33.73 -19.43
N PRO A 428 14.55 -34.83 -20.18
CA PRO A 428 13.31 -35.61 -20.18
C PRO A 428 13.19 -36.36 -18.85
N TRP A 429 12.00 -36.29 -18.25
CA TRP A 429 11.83 -36.78 -16.90
C TRP A 429 10.53 -37.56 -16.81
N CYS A 430 10.58 -38.67 -16.03
CA CYS A 430 9.43 -39.52 -15.75
C CYS A 430 8.48 -38.92 -14.73
N GLU A 431 8.90 -37.87 -14.01
CA GLU A 431 8.10 -37.15 -13.02
C GLU A 431 7.85 -37.94 -11.73
N ASP A 432 8.56 -39.02 -11.47
CA ASP A 432 8.36 -39.77 -10.22
C ASP A 432 8.94 -38.98 -9.03
N PRO A 433 8.17 -38.72 -7.98
CA PRO A 433 8.70 -37.90 -6.87
C PRO A 433 9.91 -38.51 -6.16
N GLU A 434 9.94 -39.84 -6.06
CA GLU A 434 11.09 -40.47 -5.42
C GLU A 434 12.37 -40.13 -6.16
N SER A 435 12.32 -40.08 -7.50
CA SER A 435 13.52 -39.78 -8.27
C SER A 435 13.99 -38.35 -8.06
N GLU A 436 13.09 -37.40 -7.81
CA GLU A 436 13.58 -36.04 -7.56
C GLU A 436 14.33 -36.00 -6.23
N GLU A 437 13.82 -36.70 -5.22
CA GLU A 437 14.59 -36.80 -3.97
C GLU A 437 15.96 -37.46 -4.19
N GLN A 438 15.99 -38.52 -5.00
CA GLN A 438 17.25 -39.19 -5.23
C GLN A 438 18.24 -38.28 -5.96
N ILE A 439 17.76 -37.52 -6.96
CA ILE A 439 18.62 -36.63 -7.74
C ILE A 439 19.18 -35.50 -6.85
N LYS A 440 18.34 -34.94 -6.00
CA LYS A 440 18.85 -33.94 -5.05
C LYS A 440 20.00 -34.48 -4.22
N LYS A 441 19.81 -35.67 -3.63
CA LYS A 441 20.85 -36.24 -2.79
C LYS A 441 22.13 -36.56 -3.57
N GLU A 442 21.98 -37.17 -4.77
CA GLU A 442 23.15 -37.53 -5.58
C GLU A 442 23.96 -36.29 -5.97
N THR A 443 23.28 -35.25 -6.46
CA THR A 443 24.02 -34.08 -6.90
C THR A 443 24.66 -33.34 -5.74
N GLN A 444 23.99 -33.31 -4.58
CA GLN A 444 24.61 -32.77 -3.38
C GLN A 444 25.91 -33.49 -3.04
N LYS A 445 25.89 -34.83 -3.07
CA LYS A 445 27.09 -35.54 -2.67
C LYS A 445 28.22 -35.38 -3.69
N LEU A 446 27.88 -35.42 -4.97
CA LEU A 446 28.91 -35.23 -6.00
C LEU A 446 29.50 -33.82 -5.89
N SER A 447 28.68 -32.82 -5.57
CA SER A 447 29.20 -31.48 -5.38
C SER A 447 30.14 -31.43 -4.18
N GLU A 448 29.77 -32.08 -3.08
CA GLU A 448 30.62 -32.13 -1.90
C GLU A 448 32.00 -32.70 -2.23
N ILE A 449 32.02 -33.84 -2.92
CA ILE A 449 33.28 -34.48 -3.26
C ILE A 449 34.11 -33.58 -4.17
N GLN A 450 33.45 -32.97 -5.17
CA GLN A 450 34.14 -32.00 -6.01
C GLN A 450 34.79 -30.91 -5.17
N ALA A 451 34.01 -30.31 -4.27
CA ALA A 451 34.48 -29.17 -3.50
C ALA A 451 35.66 -29.55 -2.61
N ILE A 452 35.72 -30.79 -2.13
CA ILE A 452 36.90 -31.17 -1.36
C ILE A 452 38.15 -31.23 -2.24
N GLU A 453 38.08 -31.98 -3.33
CA GLU A 453 39.24 -32.17 -4.20
C GLU A 453 39.66 -30.88 -4.89
N MET A 461 25.18 -21.73 0.17
CA MET A 461 24.08 -22.50 -0.42
C MET A 461 24.58 -23.87 -0.91
N THR A 462 23.65 -24.81 -1.09
CA THR A 462 23.98 -26.21 -1.35
C THR A 462 24.34 -26.45 -2.83
N GLY A 463 24.93 -27.61 -3.07
CA GLY A 463 25.15 -28.08 -4.41
C GLY A 463 24.03 -28.92 -5.01
N ALA A 464 22.95 -29.16 -4.25
CA ALA A 464 21.88 -30.01 -4.78
C ALA A 464 21.19 -29.36 -5.97
N MET A 465 20.92 -30.17 -6.97
CA MET A 465 20.10 -29.79 -8.11
C MET A 465 18.67 -30.22 -7.82
N LYS A 466 17.69 -29.34 -8.03
CA LYS A 466 16.30 -29.73 -7.86
C LYS A 466 15.54 -29.32 -9.12
N THR A 467 14.26 -29.75 -9.20
CA THR A 467 13.42 -29.24 -10.29
C THR A 467 13.08 -27.77 -10.03
N LEU A 468 13.09 -27.00 -11.11
CA LEU A 468 12.69 -25.62 -11.03
C LEU A 468 11.27 -25.47 -11.54
N CYS A 469 11.00 -26.01 -12.73
CA CYS A 469 9.61 -26.13 -13.16
C CYS A 469 9.59 -27.12 -14.29
N ILE A 470 8.39 -27.57 -14.65
CA ILE A 470 8.14 -28.26 -15.91
C ILE A 470 7.55 -27.21 -16.86
N PRO A 471 8.29 -26.74 -17.84
CA PRO A 471 7.82 -25.54 -18.58
C PRO A 471 6.52 -25.78 -19.32
N PHE A 472 5.72 -24.73 -19.42
CA PHE A 472 4.54 -24.76 -20.28
C PHE A 472 4.92 -25.01 -21.73
N ASP A 473 6.02 -24.41 -22.17
CA ASP A 473 6.47 -24.50 -23.55
C ASP A 473 7.23 -25.83 -23.69
N GLN A 474 6.54 -26.87 -24.16
CA GLN A 474 7.16 -28.20 -24.20
C GLN A 474 7.64 -28.52 -25.61
N PRO A 475 8.93 -28.79 -25.83
CA PRO A 475 9.33 -29.43 -27.12
C PRO A 475 8.67 -30.80 -27.25
N PRO A 476 8.59 -31.35 -28.46
CA PRO A 476 8.00 -32.68 -28.57
C PRO A 476 8.77 -33.68 -27.73
N MET A 477 8.05 -34.71 -27.23
CA MET A 477 8.67 -35.84 -26.56
C MET A 477 8.68 -37.04 -27.50
N PRO A 478 9.78 -37.32 -28.20
CA PRO A 478 9.80 -38.43 -29.17
C PRO A 478 9.37 -39.75 -28.53
N GLU A 479 8.62 -40.56 -29.26
CA GLU A 479 8.23 -41.85 -28.70
C GLU A 479 9.49 -42.63 -28.34
N GLY A 480 9.52 -43.20 -27.13
CA GLY A 480 10.62 -44.01 -26.67
C GLY A 480 11.69 -43.28 -25.89
N THR A 481 11.66 -41.93 -25.84
CA THR A 481 12.58 -41.18 -24.98
C THR A 481 12.51 -41.67 -23.53
N LYS A 482 13.67 -41.96 -22.93
CA LYS A 482 13.71 -42.39 -21.54
C LYS A 482 14.10 -41.27 -20.60
N CYS A 483 13.53 -41.32 -19.41
CA CYS A 483 13.93 -40.44 -18.30
C CYS A 483 15.44 -40.44 -18.12
N PHE A 484 16.02 -39.22 -18.04
CA PHE A 484 17.47 -39.07 -17.95
C PHE A 484 18.08 -39.72 -16.70
N TYR A 485 17.29 -39.96 -15.67
CA TYR A 485 17.81 -40.55 -14.45
C TYR A 485 17.37 -41.99 -14.23
N THR A 486 16.08 -42.30 -14.31
CA THR A 486 15.56 -43.65 -14.04
C THR A 486 15.52 -44.57 -15.25
N GLY A 487 15.61 -44.06 -16.48
CA GLY A 487 15.49 -44.96 -17.64
C GLY A 487 14.08 -45.42 -17.93
N LYS A 488 13.13 -44.98 -17.13
CA LYS A 488 11.73 -45.20 -17.35
C LYS A 488 11.26 -44.28 -18.47
N PRO A 489 10.07 -44.54 -19.00
CA PRO A 489 9.53 -43.67 -20.07
C PRO A 489 9.44 -42.22 -19.63
N ALA A 490 10.05 -41.33 -20.40
CA ALA A 490 9.98 -39.92 -20.00
C ALA A 490 8.60 -39.35 -20.31
N LYS A 491 8.19 -38.39 -19.48
CA LYS A 491 6.89 -37.79 -19.68
C LYS A 491 7.02 -36.39 -20.23
N ARG A 492 7.74 -35.51 -19.52
CA ARG A 492 7.82 -34.12 -19.94
C ARG A 492 9.25 -33.64 -19.78
N TRP A 493 9.62 -32.64 -20.58
CA TRP A 493 10.88 -31.95 -20.40
C TRP A 493 10.80 -31.13 -19.14
N THR A 494 11.78 -31.25 -18.30
CA THR A 494 11.78 -30.61 -16.98
C THR A 494 13.05 -29.77 -16.84
N LEU A 495 12.93 -28.62 -16.17
CA LEU A 495 14.06 -27.69 -16.01
C LEU A 495 14.62 -27.90 -14.60
N TRP A 496 15.94 -28.17 -14.51
CA TRP A 496 16.58 -28.44 -13.24
C TRP A 496 17.74 -27.49 -13.04
N GLY A 497 18.08 -27.23 -11.78
CA GLY A 497 19.36 -26.60 -11.53
C GLY A 497 19.58 -26.44 -10.05
N ARG A 498 20.66 -25.72 -9.76
CA ARG A 498 20.97 -25.26 -8.42
C ARG A 498 19.97 -24.10 -8.21
N SER A 499 19.63 -23.83 -6.98
CA SER A 499 18.51 -22.93 -6.76
C SER A 499 18.68 -22.11 -5.49
N TYR A 500 17.90 -21.04 -5.43
CA TYR A 500 17.76 -20.29 -4.19
C TYR A 500 16.70 -20.97 -3.34
N MET B 3 -30.90 -4.36 4.34
CA MET B 3 -31.86 -3.39 4.86
C MET B 3 -31.50 -2.82 6.25
N VAL B 4 -31.29 -1.50 6.35
CA VAL B 4 -31.07 -0.86 7.65
C VAL B 4 -32.42 -0.52 8.28
N THR B 5 -32.60 -0.92 9.55
CA THR B 5 -33.84 -0.71 10.30
C THR B 5 -33.68 0.17 11.53
N ALA B 6 -32.47 0.34 12.06
CA ALA B 6 -32.23 1.27 13.16
C ALA B 6 -32.19 2.69 12.63
N LYS B 7 -32.77 3.63 13.38
CA LYS B 7 -32.80 5.03 12.98
C LYS B 7 -31.59 5.77 13.53
N LYS B 8 -30.98 6.62 12.70
CA LYS B 8 -29.72 7.26 13.07
C LYS B 8 -29.89 8.14 14.29
N ASP B 9 -31.06 8.77 14.42
CA ASP B 9 -31.35 9.73 15.49
C ASP B 9 -31.98 9.08 16.72
N GLU B 10 -32.08 7.75 16.77
CA GLU B 10 -32.63 7.06 17.92
C GLU B 10 -31.54 6.29 18.66
N ASN B 11 -31.01 5.21 18.09
CA ASN B 11 -29.89 4.50 18.69
C ASN B 11 -28.75 4.57 17.68
N PHE B 12 -27.90 5.57 17.86
CA PHE B 12 -26.82 5.85 16.91
C PHE B 12 -25.84 4.67 16.80
N SER B 13 -25.54 3.99 17.91
CA SER B 13 -24.54 2.92 17.86
C SER B 13 -25.07 1.72 17.09
N GLU B 14 -26.33 1.36 17.31
CA GLU B 14 -26.90 0.26 16.53
C GLU B 14 -27.01 0.64 15.06
N TRP B 15 -27.36 1.91 14.78
CA TRP B 15 -27.42 2.40 13.41
C TRP B 15 -26.06 2.27 12.72
N TYR B 16 -24.99 2.68 13.40
CA TYR B 16 -23.66 2.64 12.80
C TYR B 16 -23.26 1.19 12.49
N THR B 17 -23.49 0.29 13.45
CA THR B 17 -23.16 -1.13 13.22
C THR B 17 -23.93 -1.68 12.01
N GLN B 18 -25.23 -1.38 11.94
CA GLN B 18 -26.02 -1.85 10.81
C GLN B 18 -25.49 -1.29 9.50
N ALA B 19 -25.20 0.01 9.49
CA ALA B 19 -24.78 0.63 8.25
C ALA B 19 -23.50 0.00 7.73
N ILE B 20 -22.54 -0.24 8.60
CA ILE B 20 -21.27 -0.77 8.09
C ILE B 20 -21.31 -2.27 7.84
N VAL B 21 -22.19 -3.03 8.49
CA VAL B 21 -22.29 -4.46 8.18
C VAL B 21 -23.12 -4.67 6.92
N ARG B 22 -24.29 -4.04 6.83
CA ARG B 22 -25.22 -4.31 5.74
C ARG B 22 -24.74 -3.73 4.41
N SER B 23 -23.84 -2.76 4.44
CA SER B 23 -23.19 -2.27 3.25
C SER B 23 -21.95 -3.06 2.86
N GLU B 24 -21.58 -4.07 3.65
CA GLU B 24 -20.41 -4.93 3.39
C GLU B 24 -19.10 -4.14 3.46
N MET B 25 -19.04 -3.15 4.37
CA MET B 25 -17.76 -2.49 4.61
C MET B 25 -16.85 -3.29 5.55
N ILE B 26 -17.40 -3.97 6.56
CA ILE B 26 -16.59 -4.66 7.56
C ILE B 26 -17.05 -6.09 7.77
N GLU B 27 -16.12 -6.92 8.27
CA GLU B 27 -16.46 -8.22 8.80
C GLU B 27 -15.77 -8.41 10.15
N TYR B 28 -16.44 -9.20 11.01
CA TYR B 28 -15.93 -9.39 12.34
C TYR B 28 -14.81 -10.42 12.32
N TYR B 29 -14.11 -10.53 13.46
CA TYR B 29 -12.89 -11.33 13.55
C TYR B 29 -12.77 -11.85 14.97
N ASP B 30 -12.14 -13.00 15.12
CA ASP B 30 -12.13 -13.63 16.43
C ASP B 30 -11.18 -12.97 17.42
N ILE B 31 -10.27 -12.13 16.96
CA ILE B 31 -9.38 -11.39 17.84
C ILE B 31 -9.99 -10.01 18.09
N SER B 32 -10.29 -9.72 19.36
CA SER B 32 -10.93 -8.47 19.76
C SER B 32 -10.16 -7.24 19.30
N GLY B 33 -10.90 -6.23 18.86
CA GLY B 33 -10.38 -4.99 18.36
C GLY B 33 -9.84 -4.99 16.96
N CYS B 34 -9.94 -6.12 16.25
CA CYS B 34 -9.49 -6.23 14.87
C CYS B 34 -10.68 -6.54 13.99
N TYR B 35 -10.75 -5.89 12.86
CA TYR B 35 -11.85 -6.07 11.92
C TYR B 35 -11.29 -6.30 10.54
N ILE B 36 -12.03 -7.04 9.71
CA ILE B 36 -11.70 -7.15 8.29
C ILE B 36 -12.26 -5.96 7.53
N MET B 37 -11.42 -5.31 6.70
CA MET B 37 -11.86 -4.23 5.80
C MET B 37 -12.20 -4.84 4.44
N ARG B 38 -13.50 -4.91 4.14
CA ARG B 38 -13.96 -5.52 2.93
C ARG B 38 -13.79 -4.54 1.77
N PRO B 39 -13.90 -5.01 0.53
CA PRO B 39 -13.62 -4.15 -0.62
C PRO B 39 -14.42 -2.87 -0.69
N TRP B 40 -15.69 -2.85 -0.24
CA TRP B 40 -16.47 -1.62 -0.40
C TRP B 40 -15.85 -0.49 0.41
N ALA B 41 -15.29 -0.80 1.59
CA ALA B 41 -14.59 0.20 2.37
C ALA B 41 -13.19 0.46 1.81
N PHE B 42 -12.52 -0.61 1.37
CA PHE B 42 -11.13 -0.45 0.96
C PHE B 42 -11.04 0.46 -0.26
N HIS B 43 -12.09 0.49 -1.11
CA HIS B 43 -12.13 1.36 -2.30
C HIS B 43 -11.97 2.82 -1.89
N ILE B 44 -12.63 3.19 -0.81
CA ILE B 44 -12.60 4.57 -0.35
C ILE B 44 -11.22 4.89 0.17
N TRP B 45 -10.63 3.96 0.95
CA TRP B 45 -9.26 4.13 1.41
C TRP B 45 -8.32 4.32 0.24
N GLU B 46 -8.47 3.51 -0.81
CA GLU B 46 -7.59 3.70 -1.95
C GLU B 46 -7.71 5.11 -2.53
N LYS B 47 -8.92 5.68 -2.53
CA LYS B 47 -9.08 6.99 -3.17
C LYS B 47 -8.41 8.10 -2.34
N VAL B 48 -8.63 8.08 -1.01
CA VAL B 48 -7.98 9.11 -0.19
C VAL B 48 -6.48 8.88 -0.12
N GLN B 49 -6.02 7.61 -0.15
CA GLN B 49 -4.58 7.36 -0.22
C GLN B 49 -3.98 7.91 -1.52
N ARG B 50 -4.65 7.72 -2.66
CA ARG B 50 -4.08 8.26 -3.90
C ARG B 50 -3.99 9.80 -3.84
N PHE B 51 -5.04 10.45 -3.32
CA PHE B 51 -5.03 11.91 -3.26
C PHE B 51 -3.87 12.40 -2.40
N PHE B 52 -3.76 11.85 -1.18
CA PHE B 52 -2.75 12.34 -0.25
C PHE B 52 -1.34 12.04 -0.77
N ASP B 53 -1.14 10.83 -1.28
CA ASP B 53 0.17 10.45 -1.79
C ASP B 53 0.59 11.37 -2.94
N ASP B 54 -0.33 11.64 -3.88
CA ASP B 54 0.01 12.53 -4.97
C ASP B 54 0.43 13.91 -4.42
N GLU B 55 -0.28 14.38 -3.40
CA GLU B 55 0.01 15.71 -2.85
C GLU B 55 1.36 15.74 -2.13
N ILE B 56 1.69 14.72 -1.33
CA ILE B 56 2.95 14.84 -0.60
C ILE B 56 4.12 14.65 -1.55
N LYS B 57 3.94 13.87 -2.63
CA LYS B 57 5.02 13.72 -3.59
C LYS B 57 5.35 15.06 -4.23
N LYS B 58 4.33 15.89 -4.49
CA LYS B 58 4.69 17.20 -5.02
C LYS B 58 5.48 18.06 -4.03
N MET B 59 5.37 17.79 -2.74
CA MET B 59 6.22 18.45 -1.73
C MET B 59 7.59 17.80 -1.57
N GLY B 60 7.93 16.77 -2.33
CA GLY B 60 9.23 16.17 -2.16
C GLY B 60 9.29 15.06 -1.13
N VAL B 61 8.17 14.64 -0.60
CA VAL B 61 8.17 13.52 0.33
C VAL B 61 8.21 12.23 -0.47
N GLU B 62 9.03 11.29 -0.01
CA GLU B 62 9.21 10.01 -0.68
C GLU B 62 8.74 8.89 0.24
N ASN B 63 8.14 7.88 -0.37
CA ASN B 63 7.68 6.73 0.40
C ASN B 63 8.83 5.74 0.60
N SER B 64 8.66 4.93 1.65
CA SER B 64 9.69 4.03 2.15
C SER B 64 8.95 2.93 2.89
N TYR B 65 9.69 1.91 3.33
CA TYR B 65 9.07 0.89 4.18
C TYR B 65 10.08 0.42 5.22
N PHE B 66 9.74 0.66 6.50
CA PHE B 66 10.54 0.24 7.62
C PHE B 66 9.93 -1.00 8.28
N PRO B 67 10.75 -1.76 9.03
CA PRO B 67 10.27 -3.01 9.63
C PRO B 67 9.11 -2.82 10.58
N MET B 68 8.31 -3.87 10.73
CA MET B 68 7.20 -3.83 11.64
C MET B 68 7.62 -4.11 13.08
N PHE B 69 8.88 -4.51 13.32
CA PHE B 69 9.32 -4.98 14.62
C PHE B 69 10.35 -4.01 15.17
N VAL B 70 10.33 -3.82 16.50
CA VAL B 70 11.39 -3.04 17.12
C VAL B 70 11.87 -3.74 18.38
N SER B 71 13.18 -3.79 18.56
CA SER B 71 13.78 -4.47 19.69
C SER B 71 13.40 -3.82 21.02
N ARG B 72 13.29 -4.63 22.07
CA ARG B 72 12.89 -4.11 23.38
C ARG B 72 13.72 -2.89 23.73
N HIS B 73 15.04 -2.98 23.55
CA HIS B 73 15.88 -1.93 24.09
C HIS B 73 15.88 -0.69 23.21
N LYS B 74 15.50 -0.83 21.94
CA LYS B 74 15.28 0.31 21.06
C LYS B 74 13.92 0.97 21.31
N LEU B 75 12.87 0.19 21.58
CA LEU B 75 11.57 0.81 21.86
C LEU B 75 11.60 1.54 23.18
N GLU B 76 12.28 0.97 24.17
CA GLU B 76 12.33 1.51 25.52
C GLU B 76 13.55 2.39 25.73
N LYS B 77 13.95 3.13 24.69
CA LYS B 77 15.07 4.05 24.74
C LYS B 77 14.85 5.10 25.82
N SER B 86 5.56 -1.92 31.09
CA SER B 86 5.78 -1.79 29.64
C SER B 86 4.69 -0.90 29.00
N PRO B 87 4.99 -0.31 27.84
CA PRO B 87 3.92 0.30 27.04
C PRO B 87 2.93 -0.78 26.55
N GLU B 88 1.74 -0.32 26.14
CA GLU B 88 0.66 -1.22 25.72
C GLU B 88 0.93 -1.73 24.31
N VAL B 89 2.07 -2.40 24.15
CA VAL B 89 2.47 -2.88 22.85
C VAL B 89 2.32 -4.38 22.88
N ALA B 90 2.12 -4.93 21.69
CA ALA B 90 2.16 -6.38 21.47
C ALA B 90 3.62 -6.84 21.40
N TRP B 91 3.99 -7.82 22.24
CA TRP B 91 5.34 -8.35 22.25
C TRP B 91 5.39 -9.72 21.60
N VAL B 92 6.32 -9.88 20.68
CA VAL B 92 6.66 -11.19 20.11
C VAL B 92 7.77 -11.78 20.97
N THR B 93 7.54 -12.96 21.50
CA THR B 93 8.48 -13.51 22.46
C THR B 93 9.02 -14.85 22.00
N HIS B 94 8.42 -15.44 20.97
CA HIS B 94 8.77 -16.80 20.54
C HIS B 94 8.72 -16.90 19.03
N TYR B 95 9.65 -17.65 18.46
CA TYR B 95 9.55 -18.10 17.08
C TYR B 95 9.36 -19.62 17.14
N GLY B 96 8.24 -20.11 16.61
CA GLY B 96 7.93 -21.51 16.88
C GLY B 96 7.84 -21.70 18.39
N ASP B 97 8.42 -22.77 18.90
CA ASP B 97 8.39 -22.98 20.33
C ASP B 97 9.62 -22.36 21.05
N SER B 98 10.48 -21.65 20.32
CA SER B 98 11.77 -21.22 20.86
C SER B 98 11.66 -19.79 21.37
N PRO B 99 12.21 -19.50 22.53
CA PRO B 99 12.18 -18.10 22.99
C PRO B 99 13.22 -17.24 22.27
N LEU B 100 12.81 -16.04 21.90
CA LEU B 100 13.78 -15.04 21.44
C LEU B 100 14.70 -14.68 22.60
N PRO B 101 15.99 -14.47 22.35
CA PRO B 101 16.86 -13.98 23.45
C PRO B 101 16.47 -12.60 23.92
N GLU B 102 15.90 -11.78 23.03
CA GLU B 102 15.31 -10.48 23.37
C GLU B 102 13.94 -10.37 22.71
N LYS B 103 12.91 -10.07 23.50
CA LYS B 103 11.60 -9.86 22.89
C LYS B 103 11.59 -8.63 21.99
N ILE B 104 10.70 -8.65 21.01
CA ILE B 104 10.58 -7.56 20.04
C ILE B 104 9.12 -7.15 20.01
N ALA B 105 8.85 -5.85 19.81
CA ALA B 105 7.49 -5.35 19.77
C ALA B 105 7.01 -5.11 18.34
N ILE B 106 5.71 -5.19 18.16
CA ILE B 106 5.09 -4.71 16.93
C ILE B 106 4.96 -3.21 17.00
N ARG B 107 5.28 -2.52 15.93
CA ARG B 107 5.22 -1.08 15.95
C ARG B 107 3.89 -0.43 16.33
N PRO B 108 3.90 0.43 17.35
CA PRO B 108 2.75 1.27 17.59
C PRO B 108 2.79 2.58 16.81
N THR B 109 3.95 2.87 16.23
CA THR B 109 4.36 4.08 15.51
C THR B 109 5.84 3.90 15.33
N SER B 110 6.49 4.62 14.42
CA SER B 110 7.78 4.10 14.03
C SER B 110 8.96 5.05 14.33
N GLU B 111 8.79 6.02 15.25
CA GLU B 111 9.92 6.87 15.67
C GLU B 111 11.17 6.07 16.05
N THR B 112 10.99 5.03 16.87
CA THR B 112 12.16 4.32 17.39
C THR B 112 12.79 3.44 16.33
N ILE B 113 12.05 3.17 15.24
CA ILE B 113 12.53 2.38 14.11
C ILE B 113 13.26 3.23 13.11
N MET B 114 12.73 4.41 12.85
CA MET B 114 13.30 5.29 11.85
C MET B 114 14.38 6.26 12.27
N TYR B 115 14.29 6.76 13.49
CA TYR B 115 15.23 7.85 13.80
C TYR B 115 16.67 7.39 13.99
N PRO B 116 16.96 6.16 14.46
CA PRO B 116 18.36 5.70 14.39
C PRO B 116 18.91 5.70 12.98
N ALA B 117 18.07 5.36 11.97
CA ALA B 117 18.49 5.48 10.59
C ALA B 117 18.71 6.93 10.19
N TYR B 118 17.82 7.85 10.61
CA TYR B 118 18.03 9.26 10.33
C TYR B 118 19.37 9.73 10.88
N ALA B 119 19.73 9.27 12.09
CA ALA B 119 20.99 9.67 12.70
C ALA B 119 22.17 9.21 11.86
N LYS B 120 22.04 8.04 11.22
CA LYS B 120 23.11 7.57 10.33
C LYS B 120 23.15 8.33 8.99
N TRP B 121 21.98 8.63 8.41
CA TRP B 121 21.91 9.21 7.05
C TRP B 121 22.21 10.72 6.99
N ILE B 122 21.96 11.45 8.07
CA ILE B 122 22.14 12.90 8.11
C ILE B 122 23.51 13.20 8.71
N ARG B 123 24.38 13.83 7.93
CA ARG B 123 25.68 14.20 8.43
C ARG B 123 26.06 15.65 8.10
N SER B 124 25.49 16.17 7.02
CA SER B 124 25.78 17.53 6.59
C SER B 124 24.49 18.20 6.16
N HIS B 125 24.53 19.54 6.12
CA HIS B 125 23.43 20.31 5.57
C HIS B 125 23.09 19.88 4.14
N ARG B 126 24.06 19.27 3.44
CA ARG B 126 23.78 18.70 2.12
C ARG B 126 22.69 17.64 2.13
N ASP B 127 22.46 17.02 3.29
CA ASP B 127 21.54 15.91 3.42
C ASP B 127 20.12 16.34 3.79
N LEU B 128 19.89 17.63 3.99
CA LEU B 128 18.60 18.10 4.46
C LEU B 128 17.93 18.98 3.42
N PRO B 129 16.59 19.04 3.39
CA PRO B 129 15.66 18.29 4.25
C PRO B 129 15.57 16.82 3.88
N LEU B 130 15.29 15.97 4.86
CA LEU B 130 14.97 14.55 4.62
C LEU B 130 13.48 14.37 4.87
N LYS B 131 12.75 13.87 3.88
CA LYS B 131 11.29 13.84 3.96
C LYS B 131 10.82 12.45 3.58
N LEU B 132 10.38 11.64 4.58
CA LEU B 132 9.93 10.29 4.27
C LEU B 132 8.49 10.08 4.74
N ASN B 133 7.78 9.19 4.06
CA ASN B 133 6.46 8.74 4.52
C ASN B 133 6.37 7.22 4.37
N GLN B 134 5.51 6.59 5.16
CA GLN B 134 5.19 5.20 4.82
C GLN B 134 3.73 4.86 5.11
N TRP B 135 3.17 4.01 4.24
CA TRP B 135 1.84 3.46 4.41
C TRP B 135 2.00 2.08 5.03
N CYS B 136 1.33 1.87 6.18
CA CYS B 136 1.52 0.57 6.84
C CYS B 136 0.39 0.38 7.83
N SER B 137 0.46 -0.68 8.64
CA SER B 137 -0.46 -0.72 9.78
C SER B 137 0.36 -0.67 11.06
N VAL B 138 -0.29 -0.22 12.15
CA VAL B 138 0.32 -0.20 13.47
C VAL B 138 -0.65 -0.87 14.44
N VAL B 139 -0.11 -1.21 15.61
CA VAL B 139 -0.84 -1.97 16.61
C VAL B 139 -0.72 -1.29 17.97
N ARG B 140 -1.88 -0.99 18.58
CA ARG B 140 -1.92 -0.45 19.93
C ARG B 140 -2.93 -1.27 20.74
N TRP B 141 -2.42 -2.08 21.66
CA TRP B 141 -3.20 -3.15 22.26
C TRP B 141 -3.89 -2.68 23.53
N GLU B 142 -4.82 -1.73 23.34
CA GLU B 142 -5.55 -1.16 24.45
C GLU B 142 -6.65 -2.11 24.94
N PHE B 143 -6.91 -2.01 26.23
CA PHE B 143 -7.89 -2.81 26.98
C PHE B 143 -9.33 -2.37 26.72
N LYS B 144 -9.53 -1.17 26.19
CA LYS B 144 -10.84 -0.54 26.13
C LYS B 144 -11.67 -1.09 24.97
N GLN B 145 -12.95 -0.71 24.97
CA GLN B 145 -13.90 -1.20 23.97
C GLN B 145 -13.57 -0.62 22.60
N PRO B 146 -13.46 -1.45 21.55
CA PRO B 146 -13.13 -0.92 20.22
C PRO B 146 -14.38 -0.52 19.46
N THR B 147 -14.17 0.30 18.44
CA THR B 147 -15.25 0.72 17.52
C THR B 147 -14.73 0.59 16.10
N PRO B 148 -15.42 -0.13 15.21
CA PRO B 148 -14.92 -0.27 13.84
C PRO B 148 -14.67 1.10 13.18
N PHE B 149 -13.57 1.17 12.41
CA PHE B 149 -12.99 2.35 11.77
C PHE B 149 -12.46 3.38 12.77
N LEU B 150 -13.14 3.59 13.89
CA LEU B 150 -12.82 4.74 14.72
C LEU B 150 -11.71 4.47 15.71
N ARG B 151 -11.76 3.32 16.40
CA ARG B 151 -10.79 3.07 17.47
C ARG B 151 -10.53 1.56 17.47
N THR B 152 -9.45 1.12 16.84
CA THR B 152 -9.18 -0.30 16.77
C THR B 152 -7.76 -0.66 17.19
N ARG B 153 -7.54 -1.95 17.45
CA ARG B 153 -6.23 -2.39 17.90
C ARG B 153 -5.19 -2.36 16.78
N GLU B 154 -5.56 -2.87 15.59
CA GLU B 154 -4.71 -2.72 14.41
C GLU B 154 -5.41 -1.74 13.48
N PHE B 155 -4.65 -0.82 12.89
CA PHE B 155 -5.27 0.04 11.88
C PHE B 155 -4.25 0.46 10.84
N LEU B 156 -4.75 0.68 9.62
CA LEU B 156 -3.97 1.23 8.53
C LEU B 156 -3.77 2.73 8.72
N TRP B 157 -2.59 3.27 8.43
CA TRP B 157 -2.35 4.73 8.59
C TRP B 157 -1.07 5.16 7.94
N GLN B 158 -1.02 6.31 7.24
CA GLN B 158 0.35 6.67 6.83
C GLN B 158 0.97 7.43 7.98
N GLU B 159 2.30 7.35 8.04
CA GLU B 159 3.07 8.20 8.93
C GLU B 159 4.19 8.87 8.21
N GLY B 160 4.30 10.19 8.31
CA GLY B 160 5.36 10.95 7.66
C GLY B 160 6.29 11.50 8.73
N HIS B 161 7.58 11.57 8.41
CA HIS B 161 8.61 12.00 9.36
C HIS B 161 9.64 12.80 8.58
N THR B 162 9.90 14.06 8.98
CA THR B 162 10.82 14.86 8.22
C THR B 162 11.83 15.49 9.15
N ALA B 163 12.98 15.86 8.57
CA ALA B 163 14.09 16.50 9.26
C ALA B 163 14.57 17.69 8.43
N HIS B 164 14.84 18.82 9.11
CA HIS B 164 15.15 20.10 8.48
C HIS B 164 16.27 20.81 9.21
N ALA B 165 16.91 21.74 8.48
CA ALA B 165 18.02 22.52 9.03
C ALA B 165 17.52 23.60 9.99
N THR B 166 16.28 24.06 9.83
CA THR B 166 15.77 25.14 10.67
C THR B 166 14.36 24.83 11.17
N GLU B 167 14.01 25.50 12.27
CA GLU B 167 12.67 25.36 12.82
C GLU B 167 11.61 25.93 11.89
N GLU B 168 11.92 27.06 11.22
CA GLU B 168 10.93 27.72 10.37
C GLU B 168 10.52 26.84 9.19
N GLU B 169 11.49 26.11 8.60
CA GLU B 169 11.15 25.23 7.49
C GLU B 169 10.31 24.05 7.97
N ALA B 170 10.65 23.53 9.15
CA ALA B 170 9.86 22.43 9.72
C ALA B 170 8.44 22.88 10.01
N TRP B 171 8.27 24.08 10.60
CA TRP B 171 6.93 24.57 10.91
C TRP B 171 6.11 24.80 9.64
N GLU B 172 6.76 25.32 8.60
CA GLU B 172 6.09 25.48 7.31
C GLU B 172 5.54 24.16 6.80
N LEU B 173 6.34 23.07 6.90
CA LEU B 173 5.85 21.76 6.46
C LEU B 173 4.71 21.26 7.35
N VAL B 174 4.83 21.45 8.67
CA VAL B 174 3.74 21.06 9.57
C VAL B 174 2.42 21.61 9.06
N LEU B 175 2.42 22.93 8.77
CA LEU B 175 1.20 23.62 8.31
C LEU B 175 0.75 23.14 6.94
N ASP B 176 1.71 22.91 6.01
CA ASP B 176 1.37 22.37 4.69
C ASP B 176 0.69 21.00 4.80
N ILE B 177 1.22 20.13 5.67
CA ILE B 177 0.63 18.82 5.82
C ILE B 177 -0.77 18.93 6.41
N LEU B 178 -0.94 19.80 7.41
CA LEU B 178 -2.26 19.90 8.02
C LEU B 178 -3.28 20.42 7.03
N GLU B 179 -2.85 21.26 6.09
CA GLU B 179 -3.75 21.71 5.03
C GLU B 179 -4.10 20.55 4.10
N LEU B 180 -3.14 19.66 3.83
CA LEU B 180 -3.48 18.46 3.08
C LEU B 180 -4.54 17.62 3.82
N TYR B 181 -4.43 17.52 5.16
CA TYR B 181 -5.45 16.77 5.91
C TYR B 181 -6.80 17.47 5.88
N ARG B 182 -6.81 18.80 5.97
CA ARG B 182 -8.08 19.49 5.74
C ARG B 182 -8.66 19.11 4.38
N ARG B 183 -7.83 19.07 3.33
CA ARG B 183 -8.36 18.71 2.00
C ARG B 183 -8.80 17.25 1.91
N TRP B 184 -8.09 16.35 2.57
CA TRP B 184 -8.49 14.93 2.63
C TRP B 184 -9.92 14.82 3.14
N TYR B 185 -10.21 15.52 4.24
CA TYR B 185 -11.55 15.47 4.81
C TYR B 185 -12.56 16.30 4.01
N GLU B 186 -12.24 17.56 3.74
CA GLU B 186 -13.25 18.47 3.20
C GLU B 186 -13.41 18.28 1.69
N GLU B 187 -12.31 18.17 0.95
CA GLU B 187 -12.40 18.00 -0.50
C GLU B 187 -12.75 16.57 -0.93
N CYS B 188 -12.21 15.54 -0.27
CA CYS B 188 -12.52 14.18 -0.73
C CYS B 188 -13.78 13.64 -0.07
N LEU B 189 -13.81 13.70 1.26
CA LEU B 189 -14.86 13.05 2.06
C LEU B 189 -16.03 13.98 2.37
N ALA B 190 -15.98 15.26 1.99
CA ALA B 190 -17.06 16.23 2.26
C ALA B 190 -17.40 16.33 3.75
N VAL B 191 -16.38 16.18 4.59
CA VAL B 191 -16.50 16.29 6.04
C VAL B 191 -15.82 17.59 6.47
N PRO B 192 -16.54 18.50 7.12
CA PRO B 192 -15.90 19.74 7.60
C PRO B 192 -15.09 19.47 8.86
N VAL B 193 -13.92 20.11 8.92
CA VAL B 193 -13.03 19.92 10.05
C VAL B 193 -12.51 21.29 10.48
N ILE B 194 -12.04 21.34 11.73
CA ILE B 194 -11.50 22.56 12.30
C ILE B 194 -10.02 22.34 12.55
N LYS B 195 -9.18 23.23 12.00
CA LYS B 195 -7.75 23.22 12.26
C LYS B 195 -7.46 23.93 13.58
N GLY B 196 -6.53 23.36 14.34
CA GLY B 196 -6.21 23.97 15.63
C GLY B 196 -4.91 23.44 16.20
N GLU B 197 -4.54 24.02 17.34
CA GLU B 197 -3.38 23.55 18.09
C GLU B 197 -3.87 22.74 19.29
N LYS B 198 -3.17 21.63 19.62
CA LYS B 198 -3.52 20.97 20.88
C LYS B 198 -3.02 21.72 22.11
N SER B 199 -3.77 21.59 23.20
CA SER B 199 -3.31 22.10 24.49
C SER B 199 -2.05 21.36 24.95
N GLU B 200 -1.38 21.96 25.95
CA GLU B 200 -0.15 21.39 26.51
C GLU B 200 -0.39 20.01 27.10
N GLY B 201 -1.52 19.81 27.78
CA GLY B 201 -1.83 18.49 28.30
C GLY B 201 -2.21 17.46 27.25
N GLU B 202 -2.71 17.90 26.09
CA GLU B 202 -3.22 17.01 25.05
C GLU B 202 -2.22 16.76 23.92
N LYS B 203 -1.11 17.49 23.84
CA LYS B 203 -0.21 17.34 22.71
C LYS B 203 0.64 16.10 22.88
N PHE B 204 1.27 15.69 21.79
CA PHE B 204 2.29 14.62 21.83
C PHE B 204 3.44 15.03 22.73
N ALA B 205 3.72 14.22 23.77
CA ALA B 205 4.74 14.57 24.75
C ALA B 205 6.13 14.67 24.12
N GLY B 206 6.38 13.90 23.07
CA GLY B 206 7.70 13.94 22.49
C GLY B 206 7.99 15.13 21.59
N GLY B 207 7.03 16.05 21.45
CA GLY B 207 7.15 17.13 20.50
C GLY B 207 6.98 18.49 21.18
N LYS B 208 7.14 19.53 20.40
CA LYS B 208 7.04 20.91 20.84
C LYS B 208 5.64 21.48 20.67
N LYS B 209 5.02 21.19 19.54
CA LYS B 209 3.66 21.68 19.30
C LYS B 209 2.96 20.68 18.43
N THR B 210 1.71 20.35 18.79
CA THR B 210 0.88 19.45 18.01
C THR B 210 -0.29 20.22 17.41
N THR B 211 -0.47 20.09 16.11
CA THR B 211 -1.61 20.64 15.41
C THR B 211 -2.51 19.49 14.97
N THR B 212 -3.78 19.81 14.71
CA THR B 212 -4.79 18.79 14.56
C THR B 212 -5.89 19.31 13.62
N VAL B 213 -6.60 18.38 12.99
CA VAL B 213 -7.93 18.72 12.46
C VAL B 213 -8.92 17.91 13.28
N GLU B 214 -10.00 18.57 13.73
CA GLU B 214 -11.00 17.96 14.60
C GLU B 214 -12.34 17.91 13.87
N ALA B 215 -13.05 16.79 14.03
CA ALA B 215 -14.40 16.61 13.50
C ALA B 215 -15.40 16.49 14.63
N PHE B 216 -16.68 16.64 14.27
CA PHE B 216 -17.76 16.69 15.25
C PHE B 216 -18.85 15.71 14.84
N ILE B 217 -19.33 14.91 15.80
CA ILE B 217 -20.39 13.91 15.56
C ILE B 217 -21.63 14.42 16.27
N PRO B 218 -22.60 15.00 15.53
CA PRO B 218 -23.73 15.63 16.21
C PRO B 218 -24.63 14.64 16.93
N GLU B 219 -24.67 13.37 16.51
CA GLU B 219 -25.65 12.48 17.14
C GLU B 219 -25.26 12.10 18.56
N ASN B 220 -23.98 12.09 18.90
CA ASN B 220 -23.61 11.86 20.29
C ASN B 220 -22.91 13.04 20.91
N GLY B 221 -22.75 14.15 20.15
CA GLY B 221 -22.21 15.35 20.73
C GLY B 221 -20.70 15.36 20.86
N ARG B 222 -20.01 14.42 20.21
CA ARG B 222 -18.60 14.24 20.54
C ARG B 222 -17.69 14.79 19.45
N GLY B 223 -16.59 15.41 19.87
CA GLY B 223 -15.49 15.67 18.96
C GLY B 223 -14.59 14.45 18.80
N ILE B 224 -13.93 14.38 17.65
CA ILE B 224 -13.01 13.28 17.35
C ILE B 224 -11.82 13.84 16.58
N GLN B 225 -10.60 13.46 16.99
CA GLN B 225 -9.43 13.91 16.25
C GLN B 225 -9.36 13.17 14.91
N ALA B 226 -9.24 13.94 13.82
CA ALA B 226 -9.30 13.43 12.46
C ALA B 226 -7.91 13.14 11.89
N ALA B 227 -6.87 13.89 12.31
CA ALA B 227 -5.51 13.72 11.79
C ALA B 227 -4.63 14.66 12.60
N THR B 228 -3.30 14.49 12.51
CA THR B 228 -2.43 15.26 13.39
C THR B 228 -1.09 15.53 12.71
N SER B 229 -0.50 16.68 13.05
CA SER B 229 0.75 17.11 12.44
C SER B 229 1.58 17.81 13.52
N HIS B 230 2.75 17.22 13.87
CA HIS B 230 3.57 17.67 15.01
C HIS B 230 4.80 18.44 14.58
N LEU B 231 5.07 19.57 15.24
CA LEU B 231 6.39 20.18 15.27
C LEU B 231 7.16 19.55 16.44
N LEU B 232 8.17 18.71 16.11
CA LEU B 232 8.92 17.99 17.12
C LEU B 232 10.04 18.83 17.71
N GLY B 233 10.43 19.90 17.02
CA GLY B 233 11.63 20.64 17.37
C GLY B 233 12.87 19.75 17.30
N THR B 234 13.70 19.87 18.33
CA THR B 234 14.99 19.21 18.41
C THR B 234 15.04 18.11 19.47
N ASN B 235 13.93 17.77 20.12
CA ASN B 235 14.02 16.83 21.25
C ASN B 235 14.44 15.43 20.79
N PHE B 236 13.81 14.93 19.72
CA PHE B 236 14.20 13.62 19.22
C PHE B 236 15.61 13.67 18.64
N ALA B 237 16.00 14.80 18.05
CA ALA B 237 17.36 14.95 17.55
C ALA B 237 18.38 14.78 18.68
N LYS B 238 18.05 15.30 19.87
CA LYS B 238 18.90 15.09 21.04
C LYS B 238 18.96 13.62 21.42
N MET B 239 17.78 13.00 21.55
CA MET B 239 17.65 11.62 22.01
C MET B 239 18.35 10.63 21.09
N PHE B 240 18.23 10.84 19.78
CA PHE B 240 18.77 9.90 18.81
C PHE B 240 20.08 10.38 18.21
N GLU B 241 20.57 11.56 18.62
CA GLU B 241 21.82 12.10 18.12
C GLU B 241 21.75 12.31 16.61
N ILE B 242 20.74 13.05 16.16
CA ILE B 242 20.56 13.38 14.75
C ILE B 242 21.11 14.78 14.56
N GLU B 243 22.33 14.86 14.06
CA GLU B 243 23.06 16.13 13.95
C GLU B 243 23.67 16.25 12.58
N PHE B 244 23.95 17.48 12.19
CA PHE B 244 24.56 17.75 10.89
C PHE B 244 25.54 18.89 11.03
N GLU B 245 26.54 18.86 10.17
CA GLU B 245 27.49 19.97 10.07
C GLU B 245 26.92 21.03 9.15
N ASP B 246 26.82 22.27 9.64
CA ASP B 246 26.24 23.35 8.83
C ASP B 246 27.30 23.93 7.90
N GLU B 247 26.88 24.89 7.05
CA GLU B 247 27.76 25.43 6.02
C GLU B 247 29.03 26.06 6.57
N GLU B 248 29.11 26.28 7.88
CA GLU B 248 30.27 26.92 8.50
C GLU B 248 31.04 25.99 9.41
N GLY B 249 30.76 24.69 9.37
CA GLY B 249 31.51 23.69 10.10
C GLY B 249 30.93 23.29 11.44
N HIS B 250 29.89 23.96 11.90
CA HIS B 250 29.38 23.74 13.24
C HIS B 250 28.35 22.61 13.23
N LYS B 251 28.32 21.84 14.30
CA LYS B 251 27.39 20.74 14.47
C LYS B 251 26.09 21.27 15.06
N ARG B 252 24.96 20.88 14.46
CA ARG B 252 23.65 21.39 14.82
C ARG B 252 22.67 20.23 14.89
N LEU B 253 21.67 20.39 15.74
CA LEU B 253 20.58 19.42 15.79
C LEU B 253 19.56 19.71 14.68
N VAL B 254 18.99 18.65 14.10
CA VAL B 254 17.93 18.86 13.13
C VAL B 254 16.65 19.25 13.83
N HIS B 255 15.72 19.79 13.05
CA HIS B 255 14.38 20.18 13.47
C HIS B 255 13.40 19.27 12.76
N GLN B 256 12.59 18.52 13.52
CA GLN B 256 11.83 17.43 12.90
C GLN B 256 10.34 17.68 12.96
N THR B 257 9.62 16.98 12.07
CA THR B 257 8.15 16.91 12.10
C THR B 257 7.73 15.45 12.01
N SER B 258 6.51 15.18 12.47
CA SER B 258 5.84 13.94 12.11
C SER B 258 4.34 14.13 12.04
N TRP B 259 3.68 13.22 11.29
CA TRP B 259 2.26 13.48 11.00
C TRP B 259 1.59 12.16 10.55
N GLY B 260 0.31 11.98 10.87
CA GLY B 260 -0.38 10.79 10.42
C GLY B 260 -1.90 10.95 10.36
N CYS B 261 -2.51 10.04 9.62
CA CYS B 261 -3.95 9.99 9.40
C CYS B 261 -4.26 8.53 9.08
N THR B 262 -5.45 8.06 9.47
CA THR B 262 -5.80 6.63 9.48
C THR B 262 -7.13 6.41 8.78
N THR B 263 -7.51 5.14 8.71
CA THR B 263 -8.84 4.75 8.25
C THR B 263 -9.96 5.24 9.17
N ARG B 264 -9.63 5.85 10.31
CA ARG B 264 -10.68 6.57 11.05
C ARG B 264 -11.42 7.53 10.15
N SER B 265 -10.73 8.07 9.15
CA SER B 265 -11.36 9.03 8.25
C SER B 265 -12.62 8.42 7.62
N LEU B 266 -12.57 7.13 7.28
CA LEU B 266 -13.74 6.48 6.68
C LEU B 266 -14.92 6.43 7.66
N GLY B 267 -14.67 6.00 8.89
CA GLY B 267 -15.69 6.09 9.92
C GLY B 267 -16.31 7.47 10.07
N VAL B 268 -15.48 8.51 10.05
CA VAL B 268 -16.03 9.85 10.21
C VAL B 268 -16.95 10.15 9.03
N MET B 269 -16.51 9.75 7.82
CA MET B 269 -17.36 9.95 6.63
C MET B 269 -18.68 9.25 6.80
N ILE B 270 -18.64 7.99 7.26
CA ILE B 270 -19.89 7.23 7.36
C ILE B 270 -20.83 7.92 8.33
N MET B 271 -20.28 8.40 9.45
CA MET B 271 -21.16 8.97 10.46
C MET B 271 -21.68 10.32 9.99
N THR B 272 -20.89 11.03 9.18
CA THR B 272 -21.32 12.36 8.76
C THR B 272 -22.45 12.28 7.75
N HIS B 273 -22.32 11.43 6.73
CA HIS B 273 -23.28 11.49 5.62
C HIS B 273 -24.33 10.40 5.62
N GLY B 274 -24.17 9.35 6.43
CA GLY B 274 -25.13 8.26 6.42
C GLY B 274 -26.50 8.69 6.90
N ASP B 275 -27.52 7.94 6.44
CA ASP B 275 -28.89 8.28 6.80
C ASP B 275 -29.62 6.98 7.18
N ASP B 276 -30.94 7.08 7.35
CA ASP B 276 -31.72 5.92 7.81
C ASP B 276 -31.70 4.77 6.82
N LYS B 277 -31.33 5.03 5.57
CA LYS B 277 -31.29 3.98 4.57
C LYS B 277 -29.93 3.35 4.41
N GLY B 278 -28.90 3.87 5.08
CA GLY B 278 -27.57 3.31 4.96
C GLY B 278 -26.53 4.36 4.62
N LEU B 279 -25.48 3.93 3.95
CA LEU B 279 -24.38 4.80 3.58
C LEU B 279 -24.79 5.79 2.52
N VAL B 280 -24.05 6.90 2.49
CA VAL B 280 -24.09 7.90 1.41
C VAL B 280 -22.63 8.24 1.13
N ILE B 281 -22.11 7.83 -0.02
CA ILE B 281 -20.71 8.01 -0.36
C ILE B 281 -20.56 9.27 -1.20
N PRO B 282 -19.69 10.19 -0.84
CA PRO B 282 -19.49 11.39 -1.66
C PRO B 282 -18.91 10.99 -3.01
N PRO B 283 -19.39 11.60 -4.10
CA PRO B 283 -18.95 11.17 -5.44
C PRO B 283 -17.45 11.12 -5.64
N ARG B 284 -16.69 12.01 -5.01
CA ARG B 284 -15.26 12.03 -5.27
C ARG B 284 -14.54 10.78 -4.76
N VAL B 285 -15.11 10.04 -3.81
CA VAL B 285 -14.46 8.83 -3.33
C VAL B 285 -15.31 7.60 -3.60
N ALA B 286 -16.35 7.73 -4.43
CA ALA B 286 -17.19 6.59 -4.74
C ALA B 286 -16.55 5.76 -5.87
N SER B 287 -16.26 4.49 -5.60
CA SER B 287 -15.70 3.62 -6.64
C SER B 287 -16.70 3.41 -7.76
N VAL B 288 -17.97 3.28 -7.39
CA VAL B 288 -19.08 3.31 -8.33
C VAL B 288 -19.86 4.61 -8.11
N GLN B 289 -19.79 5.52 -9.10
CA GLN B 289 -20.54 6.78 -9.02
C GLN B 289 -21.97 6.62 -9.53
N VAL B 290 -22.16 5.82 -10.58
CA VAL B 290 -23.47 5.58 -11.19
C VAL B 290 -23.62 4.08 -11.37
N VAL B 291 -24.70 3.51 -10.85
CA VAL B 291 -25.03 2.11 -11.15
C VAL B 291 -26.22 2.09 -12.09
N ILE B 292 -26.09 1.33 -13.18
CA ILE B 292 -27.15 1.14 -14.17
C ILE B 292 -27.85 -0.18 -13.88
N ILE B 293 -29.17 -0.11 -13.73
CA ILE B 293 -29.97 -1.27 -13.36
C ILE B 293 -30.97 -1.56 -14.47
N PRO B 294 -30.76 -2.60 -15.26
CA PRO B 294 -31.76 -2.98 -16.27
C PRO B 294 -32.98 -3.58 -15.59
N ILE B 295 -34.16 -3.12 -15.99
CA ILE B 295 -35.42 -3.64 -15.42
C ILE B 295 -35.89 -4.77 -16.32
N LEU B 296 -35.64 -6.00 -15.90
CA LEU B 296 -35.92 -7.18 -16.70
C LEU B 296 -37.05 -7.99 -16.04
N PHE B 297 -38.08 -8.31 -16.82
CA PHE B 297 -39.26 -8.98 -16.29
C PHE B 297 -40.05 -9.56 -17.46
N LYS B 298 -40.31 -10.87 -17.42
CA LYS B 298 -41.15 -11.54 -18.41
C LYS B 298 -40.58 -11.43 -19.82
N ASP B 299 -39.26 -11.26 -19.91
CA ASP B 299 -38.57 -11.10 -21.19
C ASP B 299 -39.19 -9.96 -22.00
N GLU B 300 -39.37 -8.82 -21.34
CA GLU B 300 -39.92 -7.66 -22.04
C GLU B 300 -38.75 -6.88 -22.60
N ASN B 301 -38.38 -7.21 -23.84
CA ASN B 301 -37.34 -6.49 -24.60
C ASN B 301 -35.96 -6.58 -23.94
N THR B 302 -35.50 -7.83 -23.73
CA THR B 302 -34.33 -8.06 -22.87
C THR B 302 -33.03 -7.61 -23.55
N GLY B 303 -32.76 -8.12 -24.75
CA GLY B 303 -31.52 -7.76 -25.44
C GLY B 303 -31.48 -6.28 -25.76
N GLU B 304 -32.61 -5.71 -26.15
CA GLU B 304 -32.78 -4.27 -26.27
C GLU B 304 -32.20 -3.54 -25.06
N ILE B 305 -32.72 -3.89 -23.88
CA ILE B 305 -32.39 -3.19 -22.65
C ILE B 305 -30.90 -3.33 -22.35
N LEU B 306 -30.37 -4.56 -22.43
CA LEU B 306 -28.99 -4.73 -22.00
C LEU B 306 -28.02 -4.11 -23.00
N GLY B 307 -28.33 -4.19 -24.29
CA GLY B 307 -27.50 -3.53 -25.29
C GLY B 307 -27.44 -2.03 -25.09
N LYS B 308 -28.58 -1.45 -24.72
CA LYS B 308 -28.65 -0.03 -24.47
C LYS B 308 -27.85 0.34 -23.22
N CYS B 309 -27.98 -0.47 -22.18
CA CYS B 309 -27.21 -0.22 -20.97
C CYS B 309 -25.72 -0.21 -21.27
N ARG B 310 -25.27 -1.12 -22.13
CA ARG B 310 -23.85 -1.13 -22.48
C ARG B 310 -23.45 0.13 -23.24
N GLU B 311 -24.37 0.58 -24.08
CA GLU B 311 -24.20 1.79 -24.88
C GLU B 311 -24.06 3.01 -23.97
N LEU B 312 -24.88 3.05 -22.93
CA LEU B 312 -24.85 4.16 -21.96
C LEU B 312 -23.59 4.11 -21.10
N LYS B 313 -23.19 2.92 -20.66
CA LYS B 313 -21.95 2.83 -19.89
C LYS B 313 -20.78 3.39 -20.68
N THR B 314 -20.65 2.98 -21.94
CA THR B 314 -19.52 3.44 -22.75
C THR B 314 -19.55 4.96 -22.90
N MET B 315 -20.73 5.54 -23.11
CA MET B 315 -20.77 7.00 -23.26
C MET B 315 -20.44 7.75 -21.96
N LEU B 316 -20.96 7.28 -20.82
CA LEU B 316 -20.66 7.94 -19.56
C LEU B 316 -19.18 7.83 -19.25
N GLU B 317 -18.61 6.63 -19.45
CA GLU B 317 -17.18 6.45 -19.25
C GLU B 317 -16.37 7.41 -20.08
N LYS B 318 -16.88 7.75 -21.26
CA LYS B 318 -16.14 8.73 -22.03
C LYS B 318 -16.16 10.11 -21.41
N ALA B 319 -17.00 10.35 -20.40
CA ALA B 319 -16.85 11.52 -19.54
C ALA B 319 -16.13 11.22 -18.22
N ASP B 320 -15.46 10.06 -18.14
CA ASP B 320 -14.70 9.63 -16.95
C ASP B 320 -15.60 9.44 -15.73
N ILE B 321 -16.87 9.17 -15.95
CA ILE B 321 -17.78 8.79 -14.88
C ILE B 321 -17.55 7.31 -14.56
N ARG B 322 -17.49 6.98 -13.28
CA ARG B 322 -17.26 5.61 -12.84
C ARG B 322 -18.60 4.89 -12.78
N VAL B 323 -18.78 3.90 -13.65
CA VAL B 323 -20.09 3.35 -13.95
C VAL B 323 -20.02 1.83 -13.81
N ARG B 324 -21.06 1.25 -13.21
N ARG B 324 -21.07 1.26 -13.23
CA ARG B 324 -21.22 -0.19 -13.13
CA ARG B 324 -21.23 -0.18 -13.11
C ARG B 324 -22.59 -0.54 -13.65
C ARG B 324 -22.60 -0.55 -13.64
N ILE B 325 -22.66 -1.54 -14.53
CA ILE B 325 -23.94 -2.12 -14.91
C ILE B 325 -24.19 -3.32 -14.01
N ASP B 326 -25.29 -3.29 -13.24
CA ASP B 326 -25.65 -4.49 -12.48
C ASP B 326 -26.63 -5.33 -13.29
N ASP B 327 -26.08 -6.06 -14.24
CA ASP B 327 -26.84 -7.01 -15.03
C ASP B 327 -26.78 -8.43 -14.46
N ARG B 328 -26.46 -8.58 -13.18
CA ARG B 328 -26.40 -9.92 -12.61
C ARG B 328 -27.76 -10.57 -12.73
N SER B 329 -27.93 -11.81 -13.23
CA SER B 329 -29.33 -12.32 -13.45
C SER B 329 -30.15 -13.00 -12.33
N ASN B 330 -29.48 -13.17 -11.23
CA ASN B 330 -29.77 -13.92 -10.02
C ASN B 330 -30.40 -13.04 -8.96
N TYR B 331 -30.57 -11.75 -9.30
CA TYR B 331 -31.17 -10.79 -8.36
C TYR B 331 -32.24 -9.97 -9.09
N THR B 332 -33.35 -9.69 -8.40
CA THR B 332 -34.42 -8.90 -9.00
C THR B 332 -34.03 -7.43 -9.08
N PRO B 333 -34.72 -6.64 -9.92
CA PRO B 333 -34.48 -5.18 -9.92
C PRO B 333 -34.71 -4.53 -8.56
N GLY B 334 -35.79 -4.89 -7.85
CA GLY B 334 -36.02 -4.33 -6.53
C GLY B 334 -34.89 -4.61 -5.57
N TRP B 335 -34.37 -5.84 -5.58
CA TRP B 335 -33.22 -6.15 -4.75
C TRP B 335 -32.05 -5.23 -5.08
N LYS B 336 -31.84 -4.98 -6.38
CA LYS B 336 -30.69 -4.17 -6.78
C LYS B 336 -30.85 -2.72 -6.31
N TYR B 337 -32.08 -2.19 -6.39
CA TYR B 337 -32.33 -0.85 -5.89
C TYR B 337 -31.91 -0.74 -4.42
N ASN B 338 -32.37 -1.70 -3.59
CA ASN B 338 -32.06 -1.61 -2.17
C ASN B 338 -30.58 -1.85 -1.89
N HIS B 339 -29.96 -2.80 -2.62
CA HIS B 339 -28.54 -3.13 -2.44
C HIS B 339 -27.66 -1.91 -2.68
N TRP B 340 -27.86 -1.22 -3.80
CA TRP B 340 -26.99 -0.10 -4.10
C TRP B 340 -27.34 1.14 -3.29
N GLU B 341 -28.58 1.23 -2.80
CA GLU B 341 -28.92 2.29 -1.86
C GLU B 341 -28.23 2.10 -0.50
N VAL B 342 -28.25 0.88 0.04
CA VAL B 342 -27.61 0.71 1.36
C VAL B 342 -26.11 0.92 1.23
N LYS B 343 -25.54 0.57 0.08
CA LYS B 343 -24.12 0.82 -0.13
C LYS B 343 -23.76 2.29 -0.45
N GLY B 344 -24.74 3.15 -0.67
CA GLY B 344 -24.45 4.57 -0.83
C GLY B 344 -24.02 5.06 -2.20
N VAL B 345 -24.27 4.31 -3.26
CA VAL B 345 -23.86 4.79 -4.60
C VAL B 345 -24.56 6.10 -4.90
N PRO B 346 -23.85 7.13 -5.36
CA PRO B 346 -24.45 8.46 -5.53
C PRO B 346 -25.66 8.49 -6.45
N LEU B 347 -25.63 7.74 -7.55
CA LEU B 347 -26.66 7.86 -8.57
C LEU B 347 -27.05 6.47 -9.03
N ARG B 348 -28.36 6.25 -9.15
CA ARG B 348 -28.89 5.02 -9.73
C ARG B 348 -29.60 5.38 -11.02
N LEU B 349 -29.23 4.71 -12.11
CA LEU B 349 -29.86 4.90 -13.41
C LEU B 349 -30.68 3.65 -13.73
N GLU B 350 -31.99 3.83 -13.90
CA GLU B 350 -32.92 2.77 -14.26
C GLU B 350 -33.28 2.86 -15.74
N LEU B 351 -33.26 1.70 -16.40
CA LEU B 351 -33.63 1.55 -17.80
C LEU B 351 -34.55 0.35 -17.95
N GLY B 352 -35.81 0.61 -18.33
CA GLY B 352 -36.78 -0.41 -18.57
C GLY B 352 -37.35 -0.26 -19.97
N PRO B 353 -38.34 -1.08 -20.31
CA PRO B 353 -38.89 -1.02 -21.69
C PRO B 353 -39.51 0.33 -22.02
N LYS B 354 -40.22 0.93 -21.05
CA LYS B 354 -40.81 2.25 -21.27
C LYS B 354 -39.74 3.30 -21.53
N ASP B 355 -38.67 3.29 -20.72
CA ASP B 355 -37.62 4.28 -20.88
C ASP B 355 -36.94 4.14 -22.23
N LEU B 356 -36.70 2.91 -22.68
CA LEU B 356 -36.12 2.71 -24.00
C LEU B 356 -37.07 3.22 -25.08
N ALA B 357 -38.37 3.00 -24.91
CA ALA B 357 -39.31 3.50 -25.91
C ALA B 357 -39.29 5.03 -25.99
N LYS B 358 -39.03 5.71 -24.87
CA LYS B 358 -39.00 7.18 -24.89
C LYS B 358 -37.61 7.78 -25.09
N GLY B 359 -36.55 6.99 -25.05
CA GLY B 359 -35.21 7.53 -25.24
C GLY B 359 -34.64 8.21 -24.03
N THR B 360 -35.10 7.86 -22.84
CA THR B 360 -34.70 8.52 -21.61
C THR B 360 -34.31 7.46 -20.59
N ALA B 361 -33.64 7.92 -19.54
CA ALA B 361 -33.32 7.11 -18.37
C ALA B 361 -33.86 7.81 -17.13
N ARG B 362 -34.22 7.02 -16.12
CA ARG B 362 -34.65 7.62 -14.86
C ARG B 362 -33.46 7.58 -13.90
N VAL B 363 -33.08 8.72 -13.35
CA VAL B 363 -31.91 8.80 -12.47
C VAL B 363 -32.37 9.27 -11.10
N VAL B 364 -31.94 8.56 -10.06
CA VAL B 364 -32.28 8.90 -8.69
C VAL B 364 -30.99 9.24 -7.93
N ARG B 365 -31.00 10.38 -7.28
CA ARG B 365 -29.92 10.82 -6.40
C ARG B 365 -30.04 10.18 -5.04
N ARG B 366 -28.93 9.64 -4.54
CA ARG B 366 -28.95 8.94 -3.27
C ARG B 366 -29.18 9.89 -2.11
N ASP B 367 -28.56 11.08 -2.14
CA ASP B 367 -28.57 11.96 -0.95
C ASP B 367 -29.97 12.49 -0.65
N THR B 368 -30.74 12.89 -1.68
CA THR B 368 -32.05 13.48 -1.48
C THR B 368 -33.20 12.63 -2.01
N GLY B 369 -32.93 11.58 -2.76
CA GLY B 369 -34.00 10.80 -3.34
C GLY B 369 -34.63 11.40 -4.58
N GLU B 370 -34.18 12.57 -5.03
CA GLU B 370 -34.80 13.22 -6.17
C GLU B 370 -34.60 12.43 -7.45
N ALA B 371 -35.66 12.36 -8.27
CA ALA B 371 -35.66 11.61 -9.53
C ALA B 371 -35.69 12.57 -10.71
N TYR B 372 -34.94 12.21 -11.76
CA TYR B 372 -34.77 13.02 -12.96
C TYR B 372 -34.99 12.17 -14.19
N GLN B 373 -35.81 12.64 -15.12
CA GLN B 373 -35.93 12.01 -16.43
C GLN B 373 -34.95 12.71 -17.36
N ILE B 374 -33.99 11.96 -17.88
CA ILE B 374 -32.92 12.57 -18.67
C ILE B 374 -32.84 11.86 -20.02
N SER B 375 -32.88 12.64 -21.09
CA SER B 375 -32.63 12.07 -22.41
C SER B 375 -31.24 11.47 -22.46
N TRP B 376 -31.09 10.42 -23.26
CA TRP B 376 -29.78 9.79 -23.41
C TRP B 376 -28.71 10.81 -23.78
N ALA B 377 -29.02 11.72 -24.72
CA ALA B 377 -28.01 12.66 -25.19
C ALA B 377 -27.47 13.51 -24.05
N ASP B 378 -28.35 13.93 -23.13
CA ASP B 378 -27.97 14.79 -22.03
C ASP B 378 -27.27 14.05 -20.91
N LEU B 379 -27.08 12.73 -21.02
CA LEU B 379 -26.73 11.96 -19.82
C LEU B 379 -25.43 12.43 -19.19
N ALA B 380 -24.34 12.48 -19.96
CA ALA B 380 -23.05 12.80 -19.37
C ALA B 380 -23.00 14.18 -18.73
N PRO B 381 -23.32 15.30 -19.42
CA PRO B 381 -23.23 16.60 -18.73
C PRO B 381 -24.14 16.68 -17.51
N LYS B 382 -25.40 16.26 -17.64
CA LYS B 382 -26.32 16.30 -16.51
C LYS B 382 -25.78 15.52 -15.30
N LEU B 383 -25.38 14.26 -15.51
CA LEU B 383 -24.85 13.49 -14.38
C LEU B 383 -23.66 14.19 -13.74
N LEU B 384 -22.80 14.83 -14.55
CA LEU B 384 -21.67 15.56 -13.97
C LEU B 384 -22.18 16.67 -13.05
N GLU B 385 -23.12 17.46 -13.56
CA GLU B 385 -23.73 18.49 -12.74
C GLU B 385 -24.24 17.89 -11.45
N LEU B 386 -24.98 16.76 -11.56
CA LEU B 386 -25.60 16.22 -10.37
C LEU B 386 -24.54 15.80 -9.37
N MET B 387 -23.43 15.24 -9.87
CA MET B 387 -22.44 14.74 -8.93
C MET B 387 -21.73 15.90 -8.26
N GLU B 388 -21.46 16.97 -9.03
CA GLU B 388 -20.92 18.17 -8.40
C GLU B 388 -21.90 18.69 -7.37
N GLY B 389 -23.20 18.61 -7.69
CA GLY B 389 -24.21 19.09 -6.78
C GLY B 389 -24.22 18.27 -5.52
N ILE B 390 -24.11 16.94 -5.68
CA ILE B 390 -24.21 16.06 -4.51
C ILE B 390 -23.05 16.31 -3.58
N GLN B 391 -21.83 16.30 -4.14
CA GLN B 391 -20.66 16.54 -3.32
C GLN B 391 -20.81 17.86 -2.58
N ARG B 392 -21.23 18.92 -3.29
CA ARG B 392 -21.25 20.22 -2.64
C ARG B 392 -22.29 20.23 -1.52
N SER B 393 -23.44 19.62 -1.80
CA SER B 393 -24.54 19.68 -0.84
C SER B 393 -24.20 18.84 0.38
N LEU B 394 -23.47 17.72 0.19
CA LEU B 394 -23.07 16.92 1.35
C LEU B 394 -22.19 17.75 2.25
N PHE B 395 -21.27 18.50 1.66
CA PHE B 395 -20.39 19.27 2.50
C PHE B 395 -21.17 20.41 3.18
N GLU B 396 -22.06 21.07 2.43
CA GLU B 396 -22.65 22.28 3.00
C GLU B 396 -23.59 21.93 4.13
N LYS B 397 -24.35 20.83 3.95
CA LYS B 397 -25.23 20.37 5.02
C LYS B 397 -24.41 19.98 6.24
N ALA B 398 -23.25 19.35 6.01
CA ALA B 398 -22.45 18.93 7.15
C ALA B 398 -21.88 20.14 7.86
N LYS B 399 -21.49 21.16 7.08
CA LYS B 399 -20.91 22.33 7.71
C LYS B 399 -21.97 23.05 8.54
N ALA B 400 -23.20 23.09 8.03
CA ALA B 400 -24.24 23.75 8.82
C ALA B 400 -24.43 23.03 10.13
N ARG B 401 -24.37 21.69 10.11
CA ARG B 401 -24.53 20.95 11.36
C ARG B 401 -23.38 21.22 12.30
N LEU B 402 -22.16 21.36 11.75
CA LEU B 402 -21.02 21.71 12.60
C LEU B 402 -21.25 23.07 13.25
N HIS B 403 -21.75 24.03 12.47
CA HIS B 403 -21.94 25.37 12.99
C HIS B 403 -23.03 25.36 14.04
N GLU B 404 -24.08 24.55 13.82
CA GLU B 404 -25.14 24.56 14.81
C GLU B 404 -24.71 23.85 16.09
N GLY B 405 -23.65 23.06 16.02
CA GLY B 405 -23.23 22.31 17.18
C GLY B 405 -22.20 22.96 18.08
N ILE B 406 -21.77 24.21 17.83
CA ILE B 406 -20.77 24.89 18.67
C ILE B 406 -21.43 26.11 19.30
N GLU B 407 -21.35 26.21 20.63
CA GLU B 407 -21.88 27.38 21.32
C GLU B 407 -20.71 28.18 21.88
N LYS B 408 -20.76 29.50 21.67
CA LYS B 408 -19.83 30.43 22.26
C LYS B 408 -20.30 30.75 23.67
N ILE B 409 -19.40 30.62 24.65
CA ILE B 409 -19.76 30.90 26.04
C ILE B 409 -18.73 31.83 26.67
N SER B 410 -19.12 32.36 27.83
CA SER B 410 -18.25 33.23 28.61
C SER B 410 -17.88 32.65 29.97
N THR B 411 -18.78 31.92 30.61
CA THR B 411 -18.64 31.47 31.99
C THR B 411 -18.84 29.95 32.05
N PHE B 412 -18.28 29.34 33.10
CA PHE B 412 -18.43 27.88 33.29
C PHE B 412 -19.88 27.45 33.49
N ASP B 413 -20.71 28.32 34.06
CA ASP B 413 -22.11 27.95 34.30
C ASP B 413 -22.85 27.58 33.01
N GLU B 414 -22.34 27.96 31.84
CA GLU B 414 -23.02 27.64 30.60
C GLU B 414 -22.66 26.25 30.09
N VAL B 415 -21.65 25.62 30.68
CA VAL B 415 -21.02 24.46 30.05
C VAL B 415 -21.97 23.26 30.07
N MET B 416 -22.52 22.93 31.24
CA MET B 416 -23.31 21.71 31.33
C MET B 416 -24.59 21.80 30.49
N PRO B 417 -25.30 22.94 30.45
CA PRO B 417 -26.46 22.99 29.53
C PRO B 417 -26.06 22.73 28.10
N ALA B 418 -24.90 23.27 27.67
CA ALA B 418 -24.44 23.05 26.30
C ALA B 418 -24.06 21.60 26.07
N LEU B 419 -23.35 20.99 27.02
CA LEU B 419 -23.05 19.56 26.85
C LEU B 419 -24.32 18.75 26.81
N ASN B 420 -25.38 19.20 27.51
CA ASN B 420 -26.62 18.45 27.51
C ASN B 420 -27.39 18.62 26.20
N ARG B 421 -27.13 19.70 25.44
CA ARG B 421 -27.64 19.81 24.08
C ARG B 421 -26.76 19.10 23.06
N LYS B 422 -25.76 18.33 23.52
CA LYS B 422 -24.84 17.60 22.65
C LYS B 422 -24.05 18.55 21.75
N HIS B 423 -23.60 19.66 22.33
CA HIS B 423 -22.87 20.69 21.61
C HIS B 423 -21.45 20.75 22.13
N LEU B 424 -20.58 21.33 21.30
CA LEU B 424 -19.27 21.76 21.73
C LEU B 424 -19.36 23.18 22.28
N VAL B 425 -18.32 23.62 23.00
CA VAL B 425 -18.30 25.01 23.46
C VAL B 425 -17.02 25.68 23.01
N LEU B 426 -17.12 26.97 22.62
CA LEU B 426 -15.96 27.82 22.37
C LEU B 426 -15.87 28.84 23.50
N ALA B 427 -14.76 28.83 24.22
CA ALA B 427 -14.66 29.60 25.46
C ALA B 427 -13.31 30.27 25.55
N PRO B 428 -13.24 31.49 26.09
CA PRO B 428 -11.94 32.12 26.29
C PRO B 428 -11.22 31.42 27.44
N TRP B 429 -9.96 31.04 27.21
CA TRP B 429 -9.21 30.22 28.16
C TRP B 429 -7.82 30.79 28.42
N CYS B 430 -7.41 30.71 29.69
CA CYS B 430 -6.08 31.13 30.14
C CYS B 430 -4.98 30.16 29.76
N GLU B 431 -5.34 28.96 29.32
CA GLU B 431 -4.42 27.92 28.86
C GLU B 431 -3.62 27.26 29.99
N ASP B 432 -3.96 27.48 31.25
CA ASP B 432 -3.31 26.78 32.36
C ASP B 432 -3.58 25.26 32.33
N PRO B 433 -2.54 24.41 32.26
CA PRO B 433 -2.80 22.94 32.20
C PRO B 433 -3.54 22.39 33.42
N GLU B 434 -3.29 22.99 34.59
CA GLU B 434 -4.01 22.57 35.79
C GLU B 434 -5.51 22.75 35.61
N SER B 435 -5.92 23.84 34.95
CA SER B 435 -7.34 24.07 34.79
C SER B 435 -7.97 23.06 33.83
N GLU B 436 -7.24 22.57 32.83
CA GLU B 436 -7.85 21.55 31.97
C GLU B 436 -8.10 20.29 32.78
N GLU B 437 -7.14 19.90 33.59
CA GLU B 437 -7.35 18.73 34.45
C GLU B 437 -8.56 18.92 35.38
N GLN B 438 -8.67 20.12 35.96
CA GLN B 438 -9.79 20.38 36.86
C GLN B 438 -11.12 20.35 36.12
N ILE B 439 -11.18 20.95 34.93
CA ILE B 439 -12.42 21.00 34.15
C ILE B 439 -12.85 19.58 33.75
N LYS B 440 -11.89 18.75 33.36
CA LYS B 440 -12.23 17.36 33.07
C LYS B 440 -12.86 16.68 34.28
N LYS B 441 -12.24 16.85 35.46
CA LYS B 441 -12.78 16.21 36.66
C LYS B 441 -14.18 16.73 37.00
N GLU B 442 -14.36 18.06 36.96
CA GLU B 442 -15.64 18.66 37.34
C GLU B 442 -16.76 18.24 36.41
N THR B 443 -16.52 18.30 35.09
CA THR B 443 -17.56 17.93 34.15
C THR B 443 -17.90 16.45 34.24
N GLN B 444 -16.89 15.59 34.45
CA GLN B 444 -17.23 14.18 34.66
C GLN B 444 -18.09 14.00 35.91
N LYS B 445 -17.70 14.64 37.02
CA LYS B 445 -18.49 14.51 38.25
C LYS B 445 -19.93 14.98 38.02
N LEU B 446 -20.08 16.15 37.37
CA LEU B 446 -21.42 16.69 37.17
C LEU B 446 -22.26 15.78 36.30
N SER B 447 -21.66 15.22 35.23
CA SER B 447 -22.39 14.31 34.36
C SER B 447 -22.81 13.05 35.11
N GLU B 448 -21.89 12.52 35.91
CA GLU B 448 -22.19 11.35 36.72
C GLU B 448 -23.39 11.61 37.61
N ILE B 449 -23.42 12.78 38.24
CA ILE B 449 -24.53 13.13 39.13
C ILE B 449 -25.84 13.26 38.35
N GLN B 450 -25.78 13.73 37.10
CA GLN B 450 -27.03 13.79 36.34
C GLN B 450 -27.62 12.42 36.08
N ALA B 451 -26.80 11.37 36.13
CA ALA B 451 -27.33 10.01 36.28
C ALA B 451 -27.55 9.68 37.77
N THR B 462 -17.85 8.51 30.75
CA THR B 462 -17.49 9.11 29.47
C THR B 462 -18.03 10.53 29.32
N GLY B 463 -18.36 11.18 30.45
CA GLY B 463 -18.93 12.51 30.48
C GLY B 463 -17.97 13.67 30.57
N ALA B 464 -16.68 13.42 30.73
CA ALA B 464 -15.73 14.52 30.88
C ALA B 464 -15.67 15.36 29.61
N MET B 465 -15.52 16.66 29.80
CA MET B 465 -15.22 17.60 28.72
C MET B 465 -13.72 17.85 28.74
N LYS B 466 -13.10 17.84 27.57
CA LYS B 466 -11.68 18.18 27.51
C LYS B 466 -11.49 19.18 26.39
N THR B 467 -10.27 19.70 26.24
CA THR B 467 -10.02 20.58 25.09
C THR B 467 -9.92 19.73 23.83
N LEU B 468 -10.54 20.20 22.76
CA LEU B 468 -10.42 19.54 21.47
C LEU B 468 -9.32 20.20 20.66
N CYS B 469 -9.36 21.53 20.59
CA CYS B 469 -8.18 22.20 20.04
C CYS B 469 -8.35 23.68 20.34
N ILE B 470 -7.27 24.43 20.18
CA ILE B 470 -7.32 25.89 20.13
C ILE B 470 -7.32 26.29 18.65
N PRO B 471 -8.44 26.75 18.09
CA PRO B 471 -8.52 26.90 16.62
C PRO B 471 -7.53 27.95 16.10
N PHE B 472 -7.01 27.67 14.91
CA PHE B 472 -6.17 28.62 14.18
C PHE B 472 -6.93 29.90 13.92
N ASP B 473 -8.24 29.79 13.68
CA ASP B 473 -9.04 30.94 13.29
C ASP B 473 -9.59 31.54 14.57
N GLN B 474 -8.88 32.56 15.04
CA GLN B 474 -9.16 33.10 16.35
C GLN B 474 -10.00 34.37 16.21
N PRO B 475 -11.23 34.41 16.72
CA PRO B 475 -11.90 35.74 16.94
C PRO B 475 -11.03 36.63 17.80
N PRO B 476 -11.22 37.94 17.74
CA PRO B 476 -10.44 38.82 18.62
C PRO B 476 -10.65 38.44 20.08
N MET B 477 -9.60 38.69 20.90
CA MET B 477 -9.73 38.54 22.34
C MET B 477 -9.78 39.94 22.98
N PRO B 478 -10.95 40.46 23.29
CA PRO B 478 -11.05 41.81 23.85
C PRO B 478 -10.21 41.94 25.11
N GLU B 479 -9.53 43.07 25.22
CA GLU B 479 -8.73 43.32 26.41
C GLU B 479 -9.62 43.19 27.63
N GLY B 480 -9.12 42.44 28.61
CA GLY B 480 -9.80 42.32 29.87
C GLY B 480 -10.72 41.13 29.97
N THR B 481 -10.90 40.39 28.85
CA THR B 481 -11.66 39.14 28.87
C THR B 481 -11.06 38.13 29.83
N LYS B 482 -11.90 37.57 30.69
CA LYS B 482 -11.45 36.60 31.68
C LYS B 482 -11.71 35.17 31.21
N CYS B 483 -10.76 34.30 31.54
CA CYS B 483 -10.88 32.85 31.40
C CYS B 483 -12.22 32.35 31.99
N PHE B 484 -12.96 31.60 31.18
CA PHE B 484 -14.29 31.11 31.57
C PHE B 484 -14.28 30.24 32.84
N TYR B 485 -13.15 29.62 33.20
CA TYR B 485 -13.11 28.78 34.40
C TYR B 485 -12.36 29.40 35.57
N THR B 486 -11.16 29.95 35.34
CA THR B 486 -10.30 30.43 36.43
C THR B 486 -10.45 31.91 36.72
N GLY B 487 -10.95 32.72 35.78
CA GLY B 487 -11.08 34.15 36.01
C GLY B 487 -9.80 34.94 35.79
N LYS B 488 -8.69 34.25 35.52
CA LYS B 488 -7.44 34.83 35.08
C LYS B 488 -7.61 35.40 33.67
N PRO B 489 -6.63 36.20 33.20
CA PRO B 489 -6.72 36.76 31.85
C PRO B 489 -6.86 35.65 30.81
N ALA B 490 -7.86 35.77 29.95
CA ALA B 490 -7.97 34.73 28.91
C ALA B 490 -6.93 34.98 27.83
N LYS B 491 -6.44 33.89 27.24
CA LYS B 491 -5.43 34.03 26.21
C LYS B 491 -6.02 33.81 24.83
N ARG B 492 -6.68 32.68 24.66
CA ARG B 492 -7.15 32.28 23.34
C ARG B 492 -8.51 31.61 23.46
N TRP B 493 -9.29 31.70 22.39
CA TRP B 493 -10.54 30.98 22.32
C TRP B 493 -10.24 29.51 22.10
N THR B 494 -10.84 28.66 22.91
CA THR B 494 -10.56 27.23 22.90
C THR B 494 -11.85 26.43 22.69
N LEU B 495 -11.76 25.32 21.94
CA LEU B 495 -12.90 24.48 21.62
C LEU B 495 -12.79 23.37 22.66
N TRP B 496 -13.92 23.06 23.30
CA TRP B 496 -14.07 21.98 24.26
C TRP B 496 -15.25 21.13 23.92
N GLY B 497 -15.19 19.88 24.38
CA GLY B 497 -16.40 19.08 24.36
C GLY B 497 -16.13 17.69 24.89
N ARG B 498 -17.21 16.91 24.94
CA ARG B 498 -17.00 15.48 25.12
C ARG B 498 -16.34 14.93 23.85
N SER B 499 -15.63 13.82 23.99
CA SER B 499 -14.80 13.41 22.88
C SER B 499 -14.66 11.90 22.82
N TYR B 500 -14.13 11.46 21.69
CA TYR B 500 -13.65 10.10 21.57
C TYR B 500 -12.23 9.95 22.11
O4' HFG C . 2.07 -19.01 1.48
C21 HFG C . 1.97 -20.08 0.93
C3' HFG C . 0.93 -20.33 -0.13
C2' HFG C . 0.41 -19.10 -0.88
N1' HFG C . -0.34 -18.18 -0.01
C6' HFG C . -0.97 -17.11 -0.80
C5' HFG C . 0.02 -16.31 -1.60
C4' HFG C . 0.84 -17.24 -2.51
C39 HFG C . 1.48 -18.28 -1.60
O7' HFG C . 2.42 -19.08 -2.32
C1' HFG C . 2.84 -21.29 1.33
N3 HFG C . 3.43 -21.13 2.65
C4 HFG C . 2.61 -21.35 3.76
O11 HFG C . 1.44 -21.69 3.62
C10 HFG C . 3.29 -21.13 5.05
C5 HFG C . 2.61 -21.32 6.24
C2 HFG C . 4.73 -20.76 2.79
N1 HFG C . 5.35 -20.55 3.88
C9 HFG C . 4.63 -20.72 5.06
C8 HFG C . 5.29 -20.50 6.27
C7 HFG C . 4.60 -20.68 7.44
BR1 HFG C . 5.53 -20.34 9.04
C6 HFG C . 3.27 -21.11 7.44
CL1 HFG C . 2.42 -21.48 8.90
C4 JE6 D . 10.53 -15.66 0.73
C14 JE6 D . 9.01 -17.28 -1.05
C5 JE6 D . 11.24 -14.84 1.62
C6 JE6 D . 11.71 -16.58 3.32
C11 JE6 D . 16.19 -16.63 5.58
C7 JE6 D . 11.96 -16.69 4.82
C8 JE6 D . 13.44 -16.70 5.11
C9 JE6 D . 13.98 -15.84 6.05
C10 JE6 D . 15.34 -15.79 6.27
C12 JE6 D . 15.66 -17.52 4.67
C13 JE6 D . 14.30 -17.55 4.43
C3 JE6 D . 10.17 -15.10 -0.49
C1 JE6 D . 11.22 -13.06 0.16
C15 JE6 D . 8.46 -17.87 -2.37
C16 JE6 D . 7.96 -16.59 -3.10
C17 JE6 D . 7.94 -16.66 -4.57
C18 JE6 D . 6.54 -16.15 -2.61
C19 JE6 D . 5.29 -16.68 -3.25
C2 JE6 D . 10.53 -13.79 -0.79
C20 JE6 D . 5.65 -15.24 -3.40
C21 JE6 D . 8.90 -15.50 -2.61
O1 JE6 D . 9.18 -14.48 -3.19
N JE6 D . 11.59 -15.29 2.89
C JE6 D . 11.58 -11.63 -0.07
O JE6 D . 11.61 -17.57 2.61
N1 JE6 D . 11.58 -13.58 1.35
N2 JE6 D . 9.41 -15.90 -1.41
N3 JE6 D . 7.88 -16.67 -5.70
O4' HFG E . 2.34 7.91 17.42
C21 HFG E . 2.46 8.93 18.05
C3' HFG E . 3.08 10.18 17.47
C2' HFG E . 3.07 10.31 15.93
N1' HFG E . 3.89 9.25 15.31
C6' HFG E . 4.01 9.53 13.86
C5' HFG E . 2.66 9.55 13.16
C4' HFG E . 1.74 10.56 13.83
C39 HFG E . 1.68 10.25 15.32
O7' HFG E . 0.77 11.13 15.98
C1' HFG E . 2.02 9.04 19.54
N3 HFG E . 1.89 7.74 20.17
C4 HFG E . 3.06 7.06 20.54
O11 HFG E . 4.15 7.56 20.35
C10 HFG E . 2.83 5.75 21.12
C5 HFG E . 3.90 4.96 21.55
C2 HFG E . 0.66 7.19 20.39
N1 HFG E . 0.41 6.05 20.91
C9 HFG E . 1.52 5.28 21.28
C8 HFG E . 1.28 4.04 21.85
C7 HFG E . 2.34 3.27 22.25
BR1 HFG E . 1.95 1.51 22.79
C6 HFG E . 3.65 3.74 22.12
CL1 HFG E . 5.01 2.83 22.71
C4 JE6 F . -6.40 5.16 17.19
C14 JE6 F . -5.29 7.76 17.27
C5 JE6 F . -6.94 3.88 17.16
C6 JE6 F . -6.44 3.18 19.47
C11 JE6 F . -9.78 0.27 21.92
C7 JE6 F . -6.18 1.91 20.26
C8 JE6 F . -7.46 1.34 20.81
C9 JE6 F . -8.32 2.13 21.55
C10 JE6 F . -9.47 1.60 22.11
C12 JE6 F . -8.94 -0.53 21.18
C13 JE6 F . -7.78 0.01 20.64
C3 JE6 F . -6.59 5.96 16.06
C1 JE6 F . -7.78 4.15 15.03
C15 JE6 F . -5.09 9.26 17.00
C16 JE6 F . -5.15 9.35 15.45
C17 JE6 F . -5.61 10.64 14.91
C18 JE6 F . -3.75 8.99 14.84
C19 JE6 F . -2.66 10.01 14.65
C2 JE6 F . -7.29 5.44 14.97
C20 JE6 F . -3.36 9.41 13.45
C21 JE6 F . -6.09 8.21 15.07
O1 JE6 F . -6.75 8.14 14.07
N JE6 F . -6.74 2.95 18.19
C JE6 F . -8.45 3.50 13.85
O JE6 F . -6.41 4.28 19.98
N1 JE6 F . -7.63 3.38 16.13
N2 JE6 F . -6.07 7.29 16.08
N3 JE6 F . -5.99 11.59 14.43
O1 MES G . 1.49 -3.41 6.30
C2 MES G . 2.40 -3.34 5.21
C3 MES G . 2.06 -2.16 4.33
N4 MES G . 0.66 -2.23 3.88
C5 MES G . -0.25 -2.36 5.02
C6 MES G . 0.14 -3.57 5.86
C7 MES G . 0.31 -1.03 3.10
C8 MES G . 0.55 -1.36 1.63
S MES G . -0.02 -0.16 0.63
O1S MES G . 1.11 0.69 0.21
O2S MES G . -1.03 0.65 1.34
O3S MES G . -0.64 -0.78 -0.54
#